data_1BZW
#
_entry.id   1BZW
#
_cell.length_a   129.121
_cell.length_b   126.748
_cell.length_c   76.900
_cell.angle_alpha   90.00
_cell.angle_beta   90.00
_cell.angle_gamma   90.00
#
_symmetry.space_group_name_H-M   'P 21 21 2'
#
loop_
_entity.id
_entity.type
_entity.pdbx_description
1 polymer 'PROTEIN (PEANUT LECTIN)'
2 branched beta-D-galactopyranose-(1-4)-alpha-D-glucopyranose
3 branched beta-D-galactopyranose-(1-4)-beta-D-glucopyranose
4 non-polymer 'CALCIUM ION'
5 non-polymer 'MANGANESE (II) ION'
6 water water
#
_entity_poly.entity_id   1
_entity_poly.type   'polypeptide(L)'
_entity_poly.pdbx_seq_one_letter_code
;AETVSFNFNSFSEGNPAINFQGDVTVLSNGNIQLTNLNKVNSVGRVLYAMPVRIWSSATGNVASFLTSFSFEMKDIKDYD
PADGIIFFIAPEDTQIPAGSIGGGTLGVSDTKGAGHFVGVEFDTYSNSEYNDPPTDHVGIDVNSVDSVKTVPWNSVSGAV
VKVTVIYDSSTKTLSVAVTNDNGDITTIAQVVDLKAKLPERVKFGFSASGSLGGRQIHLIRSWSFTSTLITT
;
_entity_poly.pdbx_strand_id   A,B,C,D
#
loop_
_chem_comp.id
_chem_comp.type
_chem_comp.name
_chem_comp.formula
BGC D-saccharide, beta linking beta-D-glucopyranose 'C6 H12 O6'
CA non-polymer 'CALCIUM ION' 'Ca 2'
GAL D-saccharide, beta linking beta-D-galactopyranose 'C6 H12 O6'
GLC D-saccharide, alpha linking alpha-D-glucopyranose 'C6 H12 O6'
MN non-polymer 'MANGANESE (II) ION' 'Mn 2'
#
# COMPACT_ATOMS: atom_id res chain seq x y z
N ALA A 1 11.37 -3.88 -11.03
CA ALA A 1 11.72 -2.73 -10.16
C ALA A 1 11.99 -3.22 -8.75
N GLU A 2 12.89 -2.54 -8.05
CA GLU A 2 13.26 -2.88 -6.69
C GLU A 2 12.70 -1.80 -5.79
N THR A 3 11.68 -2.13 -5.00
CA THR A 3 11.03 -1.18 -4.12
C THR A 3 11.08 -1.49 -2.62
N VAL A 4 11.33 -0.45 -1.84
CA VAL A 4 11.40 -0.52 -0.39
C VAL A 4 10.41 0.51 0.12
N SER A 5 9.47 0.09 0.95
CA SER A 5 8.50 1.03 1.51
C SER A 5 8.07 0.65 2.93
N PHE A 6 7.94 1.66 3.79
CA PHE A 6 7.52 1.44 5.16
C PHE A 6 6.72 2.63 5.65
N ASN A 7 5.93 2.42 6.70
CA ASN A 7 5.08 3.47 7.24
C ASN A 7 5.00 3.34 8.76
N PHE A 8 5.42 4.40 9.46
CA PHE A 8 5.40 4.44 10.93
C PHE A 8 4.48 5.54 11.42
N ASN A 9 3.40 5.15 12.10
CA ASN A 9 2.46 6.13 12.65
C ASN A 9 2.83 6.40 14.10
N SER A 10 3.59 5.47 14.66
CA SER A 10 4.06 5.55 16.03
C SER A 10 5.23 4.57 16.12
N PHE A 11 6.20 4.88 16.96
CA PHE A 11 7.36 4.02 17.11
C PHE A 11 7.30 3.30 18.46
N SER A 12 8.04 2.22 18.57
CA SER A 12 8.09 1.45 19.81
C SER A 12 9.49 0.91 19.98
N GLU A 13 9.97 0.87 21.22
CA GLU A 13 11.29 0.33 21.50
C GLU A 13 11.18 -1.19 21.39
N GLY A 14 12.18 -1.80 20.76
CA GLY A 14 12.16 -3.23 20.60
C GLY A 14 11.80 -3.65 19.18
N ASN A 15 11.46 -2.69 18.33
CA ASN A 15 11.11 -2.98 16.95
C ASN A 15 12.40 -3.09 16.15
N PRO A 16 12.72 -4.30 15.66
CA PRO A 16 13.93 -4.56 14.88
C PRO A 16 14.11 -3.76 13.61
N ALA A 17 13.05 -3.10 13.16
CA ALA A 17 13.12 -2.30 11.94
C ALA A 17 13.79 -0.97 12.19
N ILE A 18 14.00 -0.61 13.45
CA ILE A 18 14.61 0.67 13.80
C ILE A 18 15.88 0.60 14.65
N ASN A 19 16.85 1.46 14.32
CA ASN A 19 18.13 1.55 15.03
C ASN A 19 18.19 2.81 15.83
N PHE A 20 18.51 2.70 17.10
CA PHE A 20 18.63 3.86 17.98
C PHE A 20 20.10 4.07 18.30
N GLN A 21 20.56 5.30 18.18
CA GLN A 21 21.95 5.64 18.46
C GLN A 21 21.92 6.86 19.36
N GLY A 22 22.75 6.88 20.39
CA GLY A 22 22.78 8.02 21.28
C GLY A 22 21.65 8.13 22.29
N ASP A 23 21.33 9.35 22.70
CA ASP A 23 20.30 9.64 23.70
C ASP A 23 18.83 9.49 23.30
N VAL A 24 18.55 8.75 22.22
CA VAL A 24 17.19 8.56 21.76
C VAL A 24 16.36 7.82 22.80
N THR A 25 15.08 8.15 22.85
CA THR A 25 14.15 7.50 23.78
C THR A 25 12.75 7.51 23.15
N VAL A 26 11.99 6.43 23.38
CA VAL A 26 10.65 6.33 22.83
C VAL A 26 9.62 6.63 23.90
N LEU A 27 8.91 7.75 23.77
CA LEU A 27 7.91 8.16 24.74
C LEU A 27 6.73 7.20 24.72
N SER A 28 5.91 7.24 25.77
CA SER A 28 4.73 6.38 25.91
C SER A 28 3.63 6.65 24.88
N ASN A 29 3.65 7.83 24.28
CA ASN A 29 2.66 8.18 23.27
C ASN A 29 3.10 7.74 21.86
N GLY A 30 4.20 7.02 21.77
CA GLY A 30 4.70 6.54 20.50
C GLY A 30 5.67 7.46 19.77
N ASN A 31 5.97 8.61 20.37
CA ASN A 31 6.89 9.54 19.73
C ASN A 31 8.32 9.22 20.11
N ILE A 32 9.25 9.69 19.30
CA ILE A 32 10.65 9.48 19.55
C ILE A 32 11.22 10.82 19.99
N GLN A 33 11.88 10.86 21.13
CA GLN A 33 12.50 12.10 21.60
C GLN A 33 13.98 11.90 21.29
N LEU A 34 14.52 12.71 20.40
CA LEU A 34 15.91 12.57 20.00
C LEU A 34 17.02 12.93 20.98
N THR A 35 16.81 13.94 21.81
CA THR A 35 17.85 14.31 22.75
C THR A 35 17.43 14.23 24.21
N ASN A 36 18.42 14.17 25.09
CA ASN A 36 18.20 14.11 26.54
C ASN A 36 18.36 15.51 27.09
N LEU A 37 17.28 16.04 27.66
CA LEU A 37 17.27 17.40 28.20
C LEU A 37 18.24 17.65 29.37
N ASN A 38 18.72 16.59 29.99
CA ASN A 38 19.63 16.69 31.13
C ASN A 38 21.10 16.42 30.83
N LYS A 39 21.44 16.18 29.56
CA LYS A 39 22.81 15.90 29.19
C LYS A 39 23.46 17.03 28.40
N VAL A 40 24.73 17.29 28.71
CA VAL A 40 25.49 18.32 28.02
C VAL A 40 25.88 17.71 26.68
N ASN A 41 25.78 18.51 25.61
CA ASN A 41 26.11 18.07 24.26
C ASN A 41 25.42 16.78 23.85
N SER A 42 24.15 16.67 24.23
CA SER A 42 23.34 15.49 23.90
C SER A 42 23.22 15.27 22.38
N VAL A 43 23.14 14.01 21.97
CA VAL A 43 23.01 13.63 20.56
C VAL A 43 22.22 12.34 20.45
N GLY A 44 21.20 12.34 19.59
CA GLY A 44 20.38 11.17 19.41
C GLY A 44 20.04 11.02 17.94
N ARG A 45 20.05 9.79 17.46
CA ARG A 45 19.77 9.51 16.06
C ARG A 45 18.95 8.25 15.94
N VAL A 46 18.10 8.19 14.93
CA VAL A 46 17.27 7.03 14.68
C VAL A 46 17.47 6.70 13.21
N LEU A 47 17.69 5.43 12.90
CA LEU A 47 17.90 5.03 11.51
C LEU A 47 16.99 3.87 11.15
N TYR A 48 16.66 3.74 9.87
CA TYR A 48 15.86 2.62 9.43
C TYR A 48 16.89 1.50 9.38
N ALA A 49 16.63 0.42 10.10
CA ALA A 49 17.56 -0.71 10.20
C ALA A 49 18.07 -1.32 8.91
N MET A 50 17.18 -1.52 7.94
CA MET A 50 17.58 -2.15 6.68
C MET A 50 18.25 -1.16 5.73
N PRO A 51 19.42 -1.53 5.20
CA PRO A 51 20.09 -0.62 4.27
C PRO A 51 19.35 -0.63 2.94
N VAL A 52 19.21 0.54 2.33
CA VAL A 52 18.53 0.68 1.07
C VAL A 52 19.57 0.88 -0.01
N ARG A 53 19.40 0.16 -1.12
CA ARG A 53 20.31 0.23 -2.24
C ARG A 53 19.84 1.36 -3.16
N ILE A 54 20.48 2.52 -3.10
CA ILE A 54 20.08 3.67 -3.91
C ILE A 54 20.61 3.72 -5.32
N TRP A 55 21.63 2.94 -5.63
CA TRP A 55 22.16 2.92 -6.99
C TRP A 55 22.89 1.64 -7.28
N SER A 56 22.90 1.25 -8.56
CA SER A 56 23.55 0.01 -8.95
C SER A 56 24.77 0.25 -9.80
N SER A 57 25.88 -0.38 -9.41
CA SER A 57 27.12 -0.25 -10.15
C SER A 57 27.00 -1.02 -11.46
N ALA A 58 26.15 -2.05 -11.45
CA ALA A 58 25.91 -2.89 -12.61
C ALA A 58 25.24 -2.13 -13.75
N THR A 59 24.08 -1.55 -13.47
CA THR A 59 23.31 -0.81 -14.46
C THR A 59 23.68 0.67 -14.55
N GLY A 60 23.96 1.27 -13.41
CA GLY A 60 24.30 2.67 -13.36
C GLY A 60 23.09 3.50 -12.96
N ASN A 61 21.97 2.82 -12.71
CA ASN A 61 20.74 3.49 -12.33
C ASN A 61 20.77 3.99 -10.89
N VAL A 62 20.06 5.08 -10.65
CA VAL A 62 19.93 5.66 -9.32
C VAL A 62 18.45 5.55 -9.03
N ALA A 63 18.08 5.42 -7.77
CA ALA A 63 16.71 5.27 -7.37
C ALA A 63 16.01 6.61 -7.14
N SER A 64 14.68 6.58 -7.15
CA SER A 64 13.88 7.76 -6.91
C SER A 64 13.19 7.46 -5.60
N PHE A 65 12.90 8.47 -4.80
CA PHE A 65 12.19 8.23 -3.56
C PHE A 65 11.23 9.34 -3.16
N LEU A 66 10.20 8.95 -2.44
CA LEU A 66 9.18 9.85 -1.93
C LEU A 66 9.05 9.50 -0.45
N THR A 67 9.24 10.50 0.40
CA THR A 67 9.17 10.29 1.83
C THR A 67 8.55 11.52 2.49
N SER A 68 7.74 11.31 3.51
CA SER A 68 7.13 12.39 4.26
C SER A 68 7.14 12.04 5.73
N PHE A 69 7.37 13.05 6.57
CA PHE A 69 7.44 12.86 8.02
C PHE A 69 6.99 14.12 8.74
N SER A 70 6.69 14.01 10.02
CA SER A 70 6.27 15.17 10.79
C SER A 70 7.02 15.20 12.11
N PHE A 71 7.41 16.38 12.52
CA PHE A 71 8.14 16.53 13.77
C PHE A 71 7.60 17.67 14.61
N GLU A 72 8.12 17.80 15.82
CA GLU A 72 7.69 18.85 16.72
C GLU A 72 8.88 19.26 17.57
N MET A 73 9.06 20.55 17.73
CA MET A 73 10.14 21.08 18.56
C MET A 73 9.49 22.03 19.56
N LYS A 74 9.80 21.83 20.83
CA LYS A 74 9.23 22.68 21.86
C LYS A 74 10.31 23.20 22.82
N ASP A 75 10.12 24.44 23.27
CA ASP A 75 11.06 25.09 24.18
C ASP A 75 10.96 24.59 25.61
N ILE A 76 12.09 24.57 26.30
CA ILE A 76 12.12 24.20 27.70
C ILE A 76 12.63 25.43 28.41
N LYS A 77 12.29 25.56 29.68
CA LYS A 77 12.67 26.70 30.50
C LYS A 77 14.18 26.90 30.66
N ASP A 78 14.61 28.15 30.69
CA ASP A 78 16.01 28.53 30.89
C ASP A 78 17.01 28.20 29.80
N TYR A 79 16.70 27.26 28.92
CA TYR A 79 17.63 26.90 27.86
C TYR A 79 17.28 27.50 26.51
N ASP A 80 18.32 27.82 25.73
CA ASP A 80 18.13 28.36 24.40
C ASP A 80 17.63 27.23 23.53
N PRO A 81 16.56 27.47 22.76
CA PRO A 81 16.02 26.43 21.89
C PRO A 81 17.02 26.16 20.76
N ALA A 82 17.75 25.06 20.87
CA ALA A 82 18.77 24.68 19.89
C ALA A 82 18.92 23.17 20.01
N ASP A 83 19.51 22.52 19.00
CA ASP A 83 20.01 23.17 17.79
C ASP A 83 19.21 22.84 16.55
N GLY A 84 18.41 21.79 16.58
CA GLY A 84 17.63 21.43 15.41
C GLY A 84 17.60 19.96 15.08
N ILE A 85 16.96 19.64 13.96
CA ILE A 85 16.78 18.26 13.48
C ILE A 85 17.32 18.17 12.06
N ILE A 86 17.80 16.98 11.68
CA ILE A 86 18.30 16.78 10.33
C ILE A 86 17.92 15.40 9.80
N PHE A 87 17.31 15.36 8.62
CA PHE A 87 16.92 14.10 7.98
C PHE A 87 18.12 13.81 7.10
N PHE A 88 18.82 12.71 7.34
CA PHE A 88 20.02 12.39 6.55
C PHE A 88 20.06 11.03 5.89
N ILE A 89 21.01 10.90 4.97
CA ILE A 89 21.26 9.70 4.21
C ILE A 89 22.79 9.52 4.36
N ALA A 90 23.20 8.35 4.82
CA ALA A 90 24.63 8.10 5.02
C ALA A 90 24.97 6.62 4.78
N PRO A 91 26.27 6.30 4.73
CA PRO A 91 26.73 4.92 4.50
C PRO A 91 26.15 3.97 5.56
N GLU A 92 26.01 2.69 5.21
CA GLU A 92 25.43 1.74 6.15
C GLU A 92 26.15 1.59 7.48
N ASP A 93 27.43 1.94 7.52
CA ASP A 93 28.20 1.83 8.75
C ASP A 93 28.17 3.10 9.61
N THR A 94 27.31 4.04 9.26
CA THR A 94 27.24 5.31 9.97
C THR A 94 26.99 5.22 11.47
N GLN A 95 27.79 6.00 12.21
CA GLN A 95 27.73 6.07 13.68
C GLN A 95 27.92 7.54 14.07
N ILE A 96 27.49 7.90 15.28
CA ILE A 96 27.63 9.28 15.76
C ILE A 96 29.14 9.57 15.78
N PRO A 97 29.55 10.73 15.23
CA PRO A 97 30.97 11.10 15.21
C PRO A 97 31.64 10.97 16.57
N ALA A 98 32.85 10.43 16.57
CA ALA A 98 33.61 10.22 17.79
C ALA A 98 33.95 11.55 18.42
N GLY A 99 33.61 11.69 19.69
CA GLY A 99 33.87 12.94 20.39
C GLY A 99 33.01 14.07 19.88
N SER A 100 31.77 13.76 19.51
CA SER A 100 30.83 14.76 19.00
C SER A 100 30.53 15.81 20.07
N ILE A 101 30.62 17.08 19.68
CA ILE A 101 30.33 18.19 20.58
C ILE A 101 28.84 18.56 20.52
N GLY A 102 28.05 17.76 19.79
CA GLY A 102 26.63 18.02 19.68
C GLY A 102 26.51 19.39 19.04
N GLY A 103 25.77 20.28 19.69
CA GLY A 103 25.60 21.63 19.18
C GLY A 103 25.28 21.76 17.70
N GLY A 104 25.90 22.74 17.06
CA GLY A 104 25.70 22.99 15.65
C GLY A 104 26.14 21.91 14.67
N THR A 105 26.60 20.74 15.14
CA THR A 105 27.02 19.68 14.22
C THR A 105 25.84 18.77 13.91
N LEU A 106 24.74 18.99 14.63
CA LEU A 106 23.51 18.22 14.45
C LEU A 106 23.69 16.71 14.58
N GLY A 107 24.78 16.29 15.21
CA GLY A 107 25.06 14.87 15.42
C GLY A 107 25.51 14.12 14.18
N VAL A 108 25.89 14.83 13.12
CA VAL A 108 26.30 14.18 11.87
C VAL A 108 27.69 14.57 11.38
N SER A 109 28.25 15.63 11.95
CA SER A 109 29.56 16.10 11.53
C SER A 109 30.56 16.27 12.66
N ASP A 110 31.82 16.52 12.29
CA ASP A 110 32.86 16.74 13.27
C ASP A 110 32.86 18.21 13.65
N THR A 111 33.88 18.65 14.37
CA THR A 111 34.00 20.02 14.82
C THR A 111 34.07 21.06 13.69
N LYS A 112 34.66 20.68 12.56
CA LYS A 112 34.77 21.59 11.42
C LYS A 112 33.44 21.65 10.66
N GLY A 113 32.53 20.72 10.96
CA GLY A 113 31.25 20.67 10.30
C GLY A 113 31.27 19.76 9.09
N ALA A 114 32.31 18.93 8.98
CA ALA A 114 32.47 17.99 7.88
C ALA A 114 31.99 16.61 8.27
N GLY A 115 31.54 15.85 7.28
CA GLY A 115 31.06 14.50 7.52
C GLY A 115 30.72 13.84 6.20
N HIS A 116 30.27 12.59 6.24
CA HIS A 116 29.89 11.89 5.02
C HIS A 116 28.41 11.60 5.11
N PHE A 117 27.63 12.45 4.43
CA PHE A 117 26.17 12.34 4.45
C PHE A 117 25.55 13.37 3.53
N VAL A 118 24.26 13.21 3.29
CA VAL A 118 23.47 14.16 2.51
C VAL A 118 22.21 14.27 3.35
N GLY A 119 21.72 15.50 3.55
CA GLY A 119 20.52 15.68 4.35
C GLY A 119 19.86 17.04 4.25
N VAL A 120 18.70 17.16 4.87
CA VAL A 120 17.91 18.38 4.89
C VAL A 120 17.81 18.76 6.36
N GLU A 121 18.34 19.94 6.72
CA GLU A 121 18.33 20.40 8.10
C GLU A 121 17.30 21.47 8.43
N PHE A 122 16.77 21.40 9.65
CA PHE A 122 15.79 22.36 10.17
C PHE A 122 16.52 22.96 11.37
N ASP A 123 17.42 23.88 11.05
CA ASP A 123 18.31 24.55 11.98
C ASP A 123 17.66 25.70 12.74
N THR A 124 17.68 25.63 14.06
CA THR A 124 17.10 26.66 14.90
C THR A 124 18.10 27.53 15.66
N TYR A 125 19.37 27.51 15.25
CA TYR A 125 20.40 28.33 15.89
C TYR A 125 21.50 28.67 14.90
N SER A 126 21.86 29.94 14.85
CA SER A 126 22.87 30.45 13.93
C SER A 126 24.32 30.27 14.38
N ASN A 127 24.97 29.24 13.86
CA ASN A 127 26.37 28.99 14.17
C ASN A 127 27.21 29.64 13.10
N SER A 128 27.81 30.77 13.44
CA SER A 128 28.64 31.52 12.51
C SER A 128 29.84 30.70 12.01
N GLU A 129 30.33 29.80 12.85
CA GLU A 129 31.47 28.97 12.48
C GLU A 129 31.14 28.05 11.30
N TYR A 130 29.85 27.83 11.04
CA TYR A 130 29.40 26.99 9.95
C TYR A 130 28.70 27.84 8.90
N ASN A 131 28.84 29.15 9.02
CA ASN A 131 28.24 30.12 8.11
C ASN A 131 26.71 30.07 8.06
N ASP A 132 26.10 29.86 9.23
CA ASP A 132 24.65 29.80 9.31
C ASP A 132 24.03 31.16 9.03
N PRO A 133 22.84 31.17 8.38
CA PRO A 133 22.15 32.43 8.10
C PRO A 133 21.70 32.97 9.46
N PRO A 134 21.41 34.29 9.53
CA PRO A 134 20.99 34.90 10.80
C PRO A 134 19.62 34.51 11.36
N THR A 135 18.88 33.66 10.65
CA THR A 135 17.54 33.25 11.11
C THR A 135 17.36 31.75 11.05
N ASP A 136 16.24 31.26 11.57
CA ASP A 136 15.93 29.84 11.51
C ASP A 136 15.92 29.54 10.02
N HIS A 137 16.21 28.31 9.64
CA HIS A 137 16.24 28.00 8.23
C HIS A 137 16.24 26.53 7.92
N VAL A 138 15.94 26.22 6.67
CA VAL A 138 15.93 24.87 6.15
C VAL A 138 17.10 24.91 5.17
N GLY A 139 17.89 23.86 5.10
CA GLY A 139 19.02 23.86 4.17
C GLY A 139 19.39 22.48 3.66
N ILE A 140 19.99 22.42 2.48
CA ILE A 140 20.43 21.16 1.89
C ILE A 140 21.90 21.03 2.23
N ASP A 141 22.27 19.96 2.90
CA ASP A 141 23.65 19.69 3.30
C ASP A 141 24.28 18.54 2.54
N VAL A 142 25.44 18.78 1.95
CA VAL A 142 26.16 17.75 1.22
C VAL A 142 27.53 17.62 1.88
N ASN A 143 27.71 16.55 2.66
CA ASN A 143 28.96 16.27 3.38
C ASN A 143 29.44 17.42 4.26
N SER A 144 28.52 18.23 4.76
CA SER A 144 28.87 19.34 5.64
C SER A 144 27.65 20.10 6.13
N VAL A 145 27.72 20.62 7.35
CA VAL A 145 26.61 21.40 7.90
C VAL A 145 26.71 22.85 7.45
N ASP A 146 27.65 23.12 6.56
CA ASP A 146 27.78 24.45 5.97
C ASP A 146 26.94 24.21 4.70
N SER A 147 25.65 24.45 4.83
CA SER A 147 24.68 24.22 3.78
C SER A 147 25.05 24.73 2.40
N VAL A 148 24.76 23.88 1.40
CA VAL A 148 25.00 24.20 0.00
C VAL A 148 24.01 25.31 -0.38
N LYS A 149 22.82 25.25 0.21
CA LYS A 149 21.77 26.22 -0.06
C LYS A 149 20.82 26.24 1.13
N THR A 150 20.32 27.43 1.47
CA THR A 150 19.37 27.58 2.59
C THR A 150 18.21 28.50 2.22
N VAL A 151 17.13 28.42 2.98
CA VAL A 151 15.94 29.24 2.78
C VAL A 151 15.43 29.61 4.19
N PRO A 152 15.01 30.86 4.39
CA PRO A 152 14.52 31.32 5.69
C PRO A 152 13.30 30.50 6.12
N TRP A 153 13.16 30.29 7.42
CA TRP A 153 12.07 29.51 7.96
C TRP A 153 11.79 30.03 9.37
N ASN A 154 10.78 29.49 10.02
CA ASN A 154 10.44 29.92 11.36
C ASN A 154 9.96 28.74 12.18
N SER A 155 10.71 28.41 13.23
CA SER A 155 10.35 27.29 14.10
C SER A 155 9.41 27.75 15.20
N VAL A 156 8.22 27.16 15.22
CA VAL A 156 7.22 27.53 16.22
C VAL A 156 7.14 26.45 17.30
N SER A 157 7.44 26.87 18.53
CA SER A 157 7.42 25.98 19.67
C SER A 157 6.08 25.30 19.86
N GLY A 158 6.10 23.97 19.87
CA GLY A 158 4.86 23.22 20.07
C GLY A 158 4.05 22.97 18.80
N ALA A 159 4.53 23.47 17.67
CA ALA A 159 3.83 23.29 16.41
C ALA A 159 4.25 22.00 15.71
N VAL A 160 3.28 21.30 15.13
CA VAL A 160 3.55 20.06 14.42
C VAL A 160 3.83 20.47 12.99
N VAL A 161 5.00 20.12 12.48
CA VAL A 161 5.40 20.47 11.12
C VAL A 161 5.41 19.24 10.23
N LYS A 162 4.96 19.40 8.99
CA LYS A 162 4.91 18.28 8.04
C LYS A 162 5.85 18.57 6.90
N VAL A 163 6.59 17.54 6.47
CA VAL A 163 7.56 17.70 5.40
C VAL A 163 7.38 16.62 4.35
N THR A 164 7.56 16.99 3.09
CA THR A 164 7.46 16.04 1.99
C THR A 164 8.71 16.24 1.12
N VAL A 165 9.41 15.15 0.85
CA VAL A 165 10.63 15.18 0.06
C VAL A 165 10.49 14.28 -1.16
N ILE A 166 10.95 14.76 -2.32
CA ILE A 166 10.91 13.99 -3.56
C ILE A 166 12.28 14.07 -4.22
N TYR A 167 12.85 12.93 -4.58
CA TYR A 167 14.14 12.90 -5.26
C TYR A 167 13.91 12.22 -6.59
N ASP A 168 14.11 12.97 -7.68
CA ASP A 168 13.91 12.43 -9.02
C ASP A 168 15.26 12.01 -9.58
N SER A 169 15.43 10.70 -9.77
CA SER A 169 16.70 10.16 -10.28
C SER A 169 17.20 10.83 -11.55
N SER A 170 16.33 10.97 -12.56
CA SER A 170 16.67 11.56 -13.85
C SER A 170 17.38 12.90 -13.75
N THR A 171 16.74 13.85 -13.08
CA THR A 171 17.31 15.17 -12.90
C THR A 171 18.24 15.29 -11.71
N LYS A 172 18.17 14.29 -10.82
CA LYS A 172 18.98 14.28 -9.61
C LYS A 172 18.61 15.51 -8.81
N THR A 173 17.31 15.77 -8.73
CA THR A 173 16.81 16.94 -8.02
C THR A 173 16.17 16.51 -6.72
N LEU A 174 16.54 17.16 -5.63
CA LEU A 174 15.97 16.89 -4.32
C LEU A 174 15.11 18.10 -3.99
N SER A 175 13.79 17.90 -3.88
CA SER A 175 12.88 19.01 -3.57
C SER A 175 12.16 18.75 -2.27
N VAL A 176 12.04 19.80 -1.46
CA VAL A 176 11.42 19.74 -0.15
C VAL A 176 10.26 20.74 -0.01
N ALA A 177 9.15 20.29 0.57
CA ALA A 177 8.01 21.15 0.83
C ALA A 177 7.70 21.05 2.32
N VAL A 178 7.81 22.16 3.03
CA VAL A 178 7.57 22.21 4.46
C VAL A 178 6.27 22.93 4.73
N THR A 179 5.31 22.23 5.33
CA THR A 179 4.02 22.83 5.65
C THR A 179 4.00 23.27 7.10
N ASN A 180 4.08 24.59 7.31
CA ASN A 180 4.07 25.16 8.65
C ASN A 180 2.73 25.02 9.36
N ASP A 181 2.71 25.39 10.62
CA ASP A 181 1.51 25.32 11.45
C ASP A 181 0.40 26.22 10.93
N ASN A 182 0.75 27.45 10.56
CA ASN A 182 -0.22 28.42 10.07
C ASN A 182 -0.73 28.21 8.63
N GLY A 183 -0.29 27.13 7.98
CA GLY A 183 -0.74 26.85 6.63
C GLY A 183 0.21 27.17 5.50
N ASP A 184 1.11 28.14 5.70
CA ASP A 184 2.07 28.53 4.67
C ASP A 184 3.06 27.42 4.37
N ILE A 185 3.50 27.31 3.12
CA ILE A 185 4.50 26.30 2.76
C ILE A 185 5.83 26.97 2.44
N THR A 186 6.91 26.24 2.68
CA THR A 186 8.26 26.71 2.41
C THR A 186 8.88 25.63 1.55
N THR A 187 9.50 26.00 0.43
CA THR A 187 10.12 24.98 -0.41
C THR A 187 11.59 25.31 -0.70
N ILE A 188 12.37 24.28 -0.97
CA ILE A 188 13.77 24.44 -1.32
C ILE A 188 14.10 23.22 -2.14
N ALA A 189 14.95 23.40 -3.16
CA ALA A 189 15.32 22.29 -4.05
C ALA A 189 16.76 22.49 -4.48
N GLN A 190 17.44 21.40 -4.81
CA GLN A 190 18.84 21.45 -5.19
C GLN A 190 19.23 20.17 -5.90
N VAL A 191 20.11 20.28 -6.89
CA VAL A 191 20.56 19.11 -7.64
C VAL A 191 21.71 18.48 -6.88
N VAL A 192 21.53 17.22 -6.49
CA VAL A 192 22.53 16.46 -5.76
C VAL A 192 22.67 15.09 -6.39
N ASP A 193 23.88 14.74 -6.79
CA ASP A 193 24.15 13.44 -7.39
C ASP A 193 24.46 12.39 -6.32
N LEU A 194 23.47 11.66 -5.87
CA LEU A 194 23.66 10.64 -4.84
C LEU A 194 24.71 9.60 -5.21
N LYS A 195 24.71 9.19 -6.47
CA LYS A 195 25.64 8.19 -6.97
C LYS A 195 27.12 8.60 -6.81
N ALA A 196 27.37 9.90 -6.86
CA ALA A 196 28.72 10.40 -6.74
C ALA A 196 29.13 10.78 -5.31
N LYS A 197 28.15 10.95 -4.42
CA LYS A 197 28.44 11.36 -3.05
C LYS A 197 28.27 10.26 -2.02
N LEU A 198 27.50 9.23 -2.34
CA LEU A 198 27.25 8.14 -1.41
C LEU A 198 27.46 6.78 -2.05
N PRO A 199 27.67 5.74 -1.22
CA PRO A 199 27.88 4.40 -1.77
C PRO A 199 26.56 3.77 -2.19
N GLU A 200 26.63 2.59 -2.77
CA GLU A 200 25.43 1.88 -3.22
C GLU A 200 24.40 1.61 -2.14
N ARG A 201 24.86 1.19 -0.97
CA ARG A 201 23.96 0.90 0.13
C ARG A 201 24.10 1.99 1.17
N VAL A 202 22.97 2.56 1.56
CA VAL A 202 22.94 3.64 2.56
C VAL A 202 21.82 3.38 3.57
N LYS A 203 21.77 4.22 4.61
CA LYS A 203 20.73 4.14 5.63
C LYS A 203 20.13 5.52 5.80
N PHE A 204 18.82 5.57 6.01
CA PHE A 204 18.10 6.84 6.17
C PHE A 204 17.72 7.02 7.62
N GLY A 205 17.62 8.26 8.07
CA GLY A 205 17.25 8.49 9.45
C GLY A 205 17.21 9.95 9.84
N PHE A 206 17.01 10.19 11.12
CA PHE A 206 16.95 11.55 11.68
C PHE A 206 18.01 11.66 12.77
N SER A 207 18.38 12.90 13.08
CA SER A 207 19.38 13.18 14.11
C SER A 207 19.10 14.56 14.68
N ALA A 208 19.38 14.74 15.97
CA ALA A 208 19.18 16.03 16.64
C ALA A 208 20.24 16.18 17.72
N SER A 209 20.52 17.40 18.12
CA SER A 209 21.54 17.63 19.14
C SER A 209 21.34 18.92 19.93
N GLY A 210 22.08 19.02 21.03
CA GLY A 210 22.04 20.19 21.89
C GLY A 210 23.45 20.50 22.40
N SER A 211 23.58 21.51 23.23
CA SER A 211 24.87 21.90 23.77
C SER A 211 24.74 21.99 25.29
N LEU A 212 25.49 22.87 25.93
CA LEU A 212 25.41 23.02 27.37
C LEU A 212 24.23 23.92 27.69
N GLY A 213 24.22 25.09 27.06
CA GLY A 213 23.18 26.07 27.26
C GLY A 213 22.02 25.98 26.28
N GLY A 214 22.22 25.27 25.18
CA GLY A 214 21.15 25.13 24.20
C GLY A 214 20.53 23.74 24.20
N ARG A 215 19.26 23.67 24.56
CA ARG A 215 18.53 22.41 24.60
C ARG A 215 17.04 22.72 24.39
N GLN A 216 16.33 21.76 23.80
CA GLN A 216 14.90 21.87 23.54
C GLN A 216 14.42 20.46 23.19
N ILE A 217 13.10 20.28 23.16
CA ILE A 217 12.52 18.98 22.82
C ILE A 217 12.46 18.77 21.31
N HIS A 218 13.02 17.66 20.85
CA HIS A 218 13.04 17.31 19.43
C HIS A 218 12.25 16.02 19.30
N LEU A 219 11.08 16.08 18.66
CA LEU A 219 10.22 14.91 18.49
C LEU A 219 9.97 14.51 17.04
N ILE A 220 9.95 13.20 16.80
CA ILE A 220 9.64 12.67 15.48
C ILE A 220 8.32 11.95 15.73
N ARG A 221 7.28 12.29 14.98
CA ARG A 221 5.97 11.70 15.20
C ARG A 221 5.57 10.61 14.23
N SER A 222 5.96 10.73 12.97
CA SER A 222 5.61 9.71 11.98
C SER A 222 6.58 9.77 10.82
N TRP A 223 6.58 8.72 9.99
CA TRP A 223 7.49 8.67 8.86
C TRP A 223 7.08 7.58 7.90
N SER A 224 6.92 7.94 6.63
CA SER A 224 6.58 6.97 5.57
C SER A 224 7.65 7.14 4.50
N PHE A 225 7.95 6.08 3.77
CA PHE A 225 9.02 6.15 2.78
C PHE A 225 8.83 5.11 1.70
N THR A 226 9.16 5.47 0.46
CA THR A 226 9.08 4.57 -0.68
C THR A 226 10.18 4.96 -1.64
N SER A 227 10.95 3.97 -2.09
CA SER A 227 12.01 4.20 -3.05
C SER A 227 11.85 3.12 -4.12
N THR A 228 12.16 3.46 -5.36
CA THR A 228 12.05 2.52 -6.45
C THR A 228 13.27 2.62 -7.37
N LEU A 229 13.95 1.50 -7.56
CA LEU A 229 15.14 1.45 -8.42
C LEU A 229 14.81 0.62 -9.63
N ILE A 230 15.10 1.14 -10.81
CA ILE A 230 14.85 0.41 -12.05
C ILE A 230 15.95 -0.61 -12.22
N THR A 231 15.56 -1.87 -12.15
CA THR A 231 16.51 -2.97 -12.29
C THR A 231 16.39 -3.53 -13.70
N THR A 232 16.91 -2.77 -14.66
CA THR A 232 16.90 -3.15 -16.08
C THR A 232 17.56 -2.05 -16.96
N ALA B 1 0.04 -0.04 16.45
CA ALA B 1 0.29 -1.37 15.81
C ALA B 1 1.66 -1.37 15.15
N GLU B 2 2.31 -2.53 15.16
CA GLU B 2 3.64 -2.70 14.57
C GLU B 2 3.46 -3.54 13.31
N THR B 3 3.65 -2.92 12.15
CA THR B 3 3.46 -3.59 10.88
C THR B 3 4.69 -3.68 9.97
N VAL B 4 4.86 -4.85 9.35
CA VAL B 4 5.96 -5.12 8.43
C VAL B 4 5.30 -5.60 7.15
N SER B 5 5.61 -4.95 6.03
CA SER B 5 5.05 -5.38 4.75
C SER B 5 6.00 -5.15 3.58
N PHE B 6 6.05 -6.11 2.67
CA PHE B 6 6.90 -6.01 1.50
C PHE B 6 6.24 -6.72 0.33
N ASN B 7 6.67 -6.38 -0.88
CA ASN B 7 6.10 -6.97 -2.09
C ASN B 7 7.19 -7.14 -3.14
N PHE B 8 7.39 -8.37 -3.59
CA PHE B 8 8.40 -8.68 -4.59
C PHE B 8 7.73 -9.24 -5.82
N ASN B 9 7.85 -8.56 -6.95
CA ASN B 9 7.27 -9.04 -8.20
C ASN B 9 8.37 -9.75 -8.99
N SER B 10 9.61 -9.45 -8.62
CA SER B 10 10.78 -10.04 -9.24
C SER B 10 11.91 -9.81 -8.25
N PHE B 11 12.86 -10.73 -8.23
CA PHE B 11 13.99 -10.62 -7.33
C PHE B 11 15.26 -10.27 -8.11
N SER B 12 16.25 -9.75 -7.40
CA SER B 12 17.51 -9.38 -8.03
C SER B 12 18.63 -9.65 -7.04
N GLU B 13 19.77 -10.10 -7.56
CA GLU B 13 20.91 -10.36 -6.69
C GLU B 13 21.49 -9.01 -6.31
N GLY B 14 21.89 -8.86 -5.05
CA GLY B 14 22.44 -7.60 -4.61
C GLY B 14 21.46 -6.79 -3.80
N ASN B 15 20.22 -7.26 -3.70
CA ASN B 15 19.19 -6.55 -2.93
C ASN B 15 19.35 -6.92 -1.45
N PRO B 16 19.76 -5.94 -0.62
CA PRO B 16 19.96 -6.16 0.82
C PRO B 16 18.78 -6.67 1.62
N ALA B 17 17.59 -6.60 1.03
CA ALA B 17 16.39 -7.07 1.71
C ALA B 17 16.26 -8.57 1.70
N ILE B 18 17.08 -9.23 0.88
CA ILE B 18 17.03 -10.69 0.77
C ILE B 18 18.33 -11.42 1.11
N ASN B 19 18.20 -12.56 1.79
CA ASN B 19 19.33 -13.40 2.18
C ASN B 19 19.32 -14.67 1.37
N PHE B 20 20.46 -15.00 0.78
CA PHE B 20 20.57 -16.22 -0.01
C PHE B 20 21.46 -17.21 0.75
N GLN B 21 21.00 -18.44 0.86
CA GLN B 21 21.76 -19.48 1.53
C GLN B 21 21.80 -20.69 0.62
N GLY B 22 22.97 -21.31 0.47
CA GLY B 22 23.06 -22.48 -0.37
C GLY B 22 23.13 -22.21 -1.86
N ASP B 23 22.64 -23.17 -2.65
CA ASP B 23 22.67 -23.13 -4.11
C ASP B 23 21.71 -22.19 -4.84
N VAL B 24 21.16 -21.22 -4.12
CA VAL B 24 20.21 -20.27 -4.71
C VAL B 24 20.86 -19.45 -5.81
N THR B 25 20.08 -19.12 -6.83
CA THR B 25 20.55 -18.31 -7.94
C THR B 25 19.39 -17.49 -8.51
N VAL B 26 19.67 -16.26 -8.90
CA VAL B 26 18.63 -15.39 -9.45
C VAL B 26 18.71 -15.37 -10.97
N LEU B 27 17.69 -15.91 -11.63
CA LEU B 27 17.65 -15.96 -13.10
C LEU B 27 17.48 -14.57 -13.69
N SER B 28 17.78 -14.44 -14.97
CA SER B 28 17.68 -13.15 -15.67
C SER B 28 16.26 -12.62 -15.80
N ASN B 29 15.27 -13.51 -15.67
CA ASN B 29 13.89 -13.11 -15.76
C ASN B 29 13.33 -12.66 -14.40
N GLY B 30 14.20 -12.55 -13.40
CA GLY B 30 13.77 -12.14 -12.07
C GLY B 30 13.31 -13.24 -11.15
N ASN B 31 13.36 -14.47 -11.60
CA ASN B 31 12.96 -15.59 -10.77
C ASN B 31 14.11 -16.12 -9.94
N ILE B 32 13.79 -16.78 -8.84
CA ILE B 32 14.81 -17.35 -7.97
C ILE B 32 14.76 -18.85 -8.19
N GLN B 33 15.89 -19.45 -8.54
CA GLN B 33 15.96 -20.88 -8.72
C GLN B 33 16.60 -21.39 -7.43
N LEU B 34 15.87 -22.17 -6.65
CA LEU B 34 16.36 -22.65 -5.37
C LEU B 34 17.47 -23.71 -5.35
N THR B 35 17.46 -24.63 -6.31
CA THR B 35 18.50 -25.65 -6.30
C THR B 35 19.33 -25.70 -7.57
N ASN B 36 20.51 -26.29 -7.46
CA ASN B 36 21.44 -26.44 -8.58
C ASN B 36 21.24 -27.83 -9.19
N LEU B 37 20.80 -27.88 -10.44
CA LEU B 37 20.54 -29.14 -11.14
C LEU B 37 21.75 -30.05 -11.33
N ASN B 38 22.96 -29.52 -11.14
CA ASN B 38 24.18 -30.31 -11.31
C ASN B 38 24.87 -30.72 -10.03
N LYS B 39 24.26 -30.45 -8.88
CA LYS B 39 24.87 -30.81 -7.60
C LYS B 39 24.12 -31.91 -6.90
N VAL B 40 24.87 -32.80 -6.25
CA VAL B 40 24.28 -33.90 -5.52
C VAL B 40 23.81 -33.31 -4.19
N ASN B 41 22.63 -33.71 -3.74
CA ASN B 41 22.07 -33.23 -2.48
C ASN B 41 22.03 -31.70 -2.37
N SER B 42 21.69 -31.05 -3.48
CA SER B 42 21.60 -29.59 -3.53
C SER B 42 20.57 -29.05 -2.55
N VAL B 43 20.84 -27.86 -2.01
CA VAL B 43 19.96 -27.19 -1.06
C VAL B 43 20.10 -25.68 -1.24
N GLY B 44 18.97 -24.99 -1.38
CA GLY B 44 18.97 -23.55 -1.55
C GLY B 44 17.83 -22.95 -0.75
N ARG B 45 18.09 -21.81 -0.12
CA ARG B 45 17.09 -21.15 0.71
C ARG B 45 17.19 -19.64 0.54
N VAL B 46 16.05 -18.98 0.64
CA VAL B 46 16.00 -17.54 0.51
C VAL B 46 15.21 -17.05 1.72
N LEU B 47 15.71 -16.02 2.38
CA LEU B 47 15.03 -15.51 3.57
C LEU B 47 14.87 -14.00 3.45
N TYR B 48 13.86 -13.46 4.12
CA TYR B 48 13.68 -12.03 4.12
C TYR B 48 14.73 -11.59 5.14
N ALA B 49 15.62 -10.69 4.74
CA ALA B 49 16.70 -10.22 5.59
C ALA B 49 16.36 -9.68 6.96
N MET B 50 15.31 -8.88 7.06
CA MET B 50 14.93 -8.28 8.33
C MET B 50 14.13 -9.24 9.19
N PRO B 51 14.55 -9.42 10.46
CA PRO B 51 13.81 -10.32 11.32
C PRO B 51 12.48 -9.65 11.72
N VAL B 52 11.43 -10.44 11.78
CA VAL B 52 10.11 -9.95 12.13
C VAL B 52 9.82 -10.41 13.55
N ARG B 53 9.29 -9.50 14.35
CA ARG B 53 8.92 -9.77 15.72
C ARG B 53 7.49 -10.29 15.75
N ILE B 54 7.31 -11.60 15.86
CA ILE B 54 5.96 -12.20 15.86
C ILE B 54 5.22 -12.22 17.18
N TRP B 55 5.91 -12.01 18.28
CA TRP B 55 5.25 -11.97 19.58
C TRP B 55 6.06 -11.18 20.60
N SER B 56 5.37 -10.60 21.56
CA SER B 56 6.03 -9.79 22.57
C SER B 56 5.94 -10.42 23.93
N SER B 57 7.08 -10.50 24.61
CA SER B 57 7.14 -11.06 25.94
C SER B 57 6.54 -10.08 26.93
N ALA B 58 6.58 -8.80 26.57
CA ALA B 58 6.04 -7.73 27.40
C ALA B 58 4.52 -7.81 27.51
N THR B 59 3.85 -7.80 26.36
CA THR B 59 2.39 -7.83 26.31
C THR B 59 1.80 -9.23 26.29
N GLY B 60 2.48 -10.12 25.57
CA GLY B 60 2.00 -11.48 25.45
C GLY B 60 1.26 -11.65 24.13
N ASN B 61 1.19 -10.56 23.35
CA ASN B 61 0.50 -10.61 22.06
C ASN B 61 1.29 -11.34 20.99
N VAL B 62 0.56 -11.96 20.07
CA VAL B 62 1.15 -12.67 18.94
C VAL B 62 0.62 -11.92 17.73
N ALA B 63 1.39 -11.90 16.65
CA ALA B 63 1.00 -11.17 15.45
C ALA B 63 0.16 -11.99 14.50
N SER B 64 -0.52 -11.30 13.60
CA SER B 64 -1.34 -11.96 12.59
C SER B 64 -0.62 -11.63 11.31
N PHE B 65 -0.71 -12.50 10.31
CA PHE B 65 -0.08 -12.21 9.05
C PHE B 65 -0.83 -12.76 7.84
N LEU B 66 -0.68 -12.06 6.73
CA LEU B 66 -1.29 -12.43 5.46
C LEU B 66 -0.15 -12.40 4.47
N THR B 67 0.09 -13.53 3.80
CA THR B 67 1.15 -13.62 2.81
C THR B 67 0.70 -14.48 1.64
N SER B 68 1.13 -14.12 0.44
CA SER B 68 0.81 -14.88 -0.75
C SER B 68 2.03 -14.90 -1.67
N PHE B 69 2.24 -16.04 -2.34
CA PHE B 69 3.36 -16.21 -3.23
C PHE B 69 3.01 -17.20 -4.33
N SER B 70 3.82 -17.23 -5.37
CA SER B 70 3.59 -18.16 -6.48
C SER B 70 4.90 -18.83 -6.85
N PHE B 71 4.84 -20.11 -7.14
CA PHE B 71 6.03 -20.86 -7.50
C PHE B 71 5.79 -21.72 -8.72
N GLU B 72 6.84 -22.34 -9.22
CA GLU B 72 6.74 -23.20 -10.36
C GLU B 72 7.77 -24.31 -10.21
N MET B 73 7.36 -25.54 -10.50
CA MET B 73 8.26 -26.68 -10.44
C MET B 73 8.20 -27.35 -11.80
N LYS B 74 9.35 -27.62 -12.40
CA LYS B 74 9.37 -28.28 -13.70
C LYS B 74 10.36 -29.45 -13.74
N ASP B 75 9.97 -30.50 -14.45
CA ASP B 75 10.79 -31.71 -14.57
C ASP B 75 11.97 -31.53 -15.49
N ILE B 76 13.06 -32.23 -15.18
CA ILE B 76 14.24 -32.22 -16.01
C ILE B 76 14.42 -33.66 -16.43
N LYS B 77 15.10 -33.86 -17.55
CA LYS B 77 15.33 -35.18 -18.12
C LYS B 77 16.14 -36.11 -17.23
N ASP B 78 15.79 -37.40 -17.25
CA ASP B 78 16.48 -38.45 -16.49
C ASP B 78 16.39 -38.44 -14.96
N TYR B 79 16.04 -37.33 -14.36
CA TYR B 79 15.94 -37.26 -12.92
C TYR B 79 14.52 -37.31 -12.40
N ASP B 80 14.36 -37.93 -11.23
CA ASP B 80 13.05 -37.99 -10.58
C ASP B 80 12.72 -36.60 -10.07
N PRO B 81 11.51 -36.11 -10.35
CA PRO B 81 11.10 -34.78 -9.89
C PRO B 81 10.95 -34.83 -8.37
N ALA B 82 11.96 -34.30 -7.68
CA ALA B 82 11.98 -34.26 -6.22
C ALA B 82 12.87 -33.09 -5.83
N ASP B 83 12.78 -32.62 -4.58
CA ASP B 83 11.88 -33.15 -3.56
C ASP B 83 10.72 -32.23 -3.20
N GLY B 84 10.85 -30.94 -3.53
CA GLY B 84 9.79 -30.01 -3.21
C GLY B 84 10.25 -28.68 -2.66
N ILE B 85 9.28 -27.86 -2.26
CA ILE B 85 9.51 -26.52 -1.71
C ILE B 85 8.83 -26.41 -0.36
N ILE B 86 9.36 -25.57 0.52
CA ILE B 86 8.77 -25.36 1.83
C ILE B 86 8.87 -23.89 2.25
N PHE B 87 7.75 -23.30 2.65
CA PHE B 87 7.71 -21.93 3.11
C PHE B 87 7.84 -22.09 4.62
N PHE B 88 8.90 -21.54 5.20
CA PHE B 88 9.11 -21.72 6.63
C PHE B 88 9.32 -20.44 7.43
N ILE B 89 9.23 -20.62 8.75
CA ILE B 89 9.42 -19.57 9.75
C ILE B 89 10.40 -20.20 10.73
N ALA B 90 11.51 -19.51 10.99
CA ALA B 90 12.52 -20.05 11.90
C ALA B 90 13.23 -18.93 12.68
N PRO B 91 14.04 -19.29 13.69
CA PRO B 91 14.76 -18.31 14.50
C PRO B 91 15.67 -17.43 13.61
N GLU B 92 15.96 -16.22 14.04
CA GLU B 92 16.79 -15.33 13.24
C GLU B 92 18.18 -15.83 12.88
N ASP B 93 18.70 -16.78 13.64
CA ASP B 93 20.02 -17.34 13.39
C ASP B 93 19.99 -18.57 12.48
N THR B 94 18.84 -18.85 11.88
CA THR B 94 18.69 -20.02 11.04
C THR B 94 19.68 -20.14 9.88
N GLN B 95 20.23 -21.36 9.73
CA GLN B 95 21.21 -21.70 8.68
C GLN B 95 20.87 -23.12 8.20
N ILE B 96 21.33 -23.47 7.00
CA ILE B 96 21.08 -24.79 6.44
C ILE B 96 21.73 -25.78 7.39
N PRO B 97 21.01 -26.84 7.79
CA PRO B 97 21.56 -27.84 8.70
C PRO B 97 22.94 -28.35 8.29
N ALA B 98 23.82 -28.49 9.27
CA ALA B 98 25.18 -28.96 9.03
C ALA B 98 25.16 -30.38 8.50
N GLY B 99 25.81 -30.60 7.36
CA GLY B 99 25.84 -31.91 6.75
C GLY B 99 24.49 -32.36 6.22
N SER B 100 23.72 -31.40 5.69
CA SER B 100 22.40 -31.68 5.15
C SER B 100 22.48 -32.64 3.99
N ILE B 101 21.63 -33.66 4.01
CA ILE B 101 21.59 -34.64 2.93
C ILE B 101 20.61 -34.21 1.84
N GLY B 102 20.08 -32.99 1.96
CA GLY B 102 19.12 -32.53 0.99
C GLY B 102 17.93 -33.47 1.00
N GLY B 103 17.58 -33.98 -0.17
CA GLY B 103 16.47 -34.90 -0.28
C GLY B 103 15.21 -34.55 0.48
N GLY B 104 14.63 -35.55 1.14
CA GLY B 104 13.41 -35.36 1.90
C GLY B 104 13.47 -34.48 3.11
N THR B 105 14.61 -33.84 3.39
CA THR B 105 14.70 -32.95 4.57
C THR B 105 14.30 -31.53 4.17
N LEU B 106 14.12 -31.31 2.86
CA LEU B 106 13.72 -30.03 2.29
C LEU B 106 14.62 -28.86 2.70
N GLY B 107 15.84 -29.18 3.15
CA GLY B 107 16.79 -28.16 3.56
C GLY B 107 16.52 -27.48 4.89
N VAL B 108 15.60 -28.04 5.70
CA VAL B 108 15.27 -27.44 6.99
C VAL B 108 15.45 -28.37 8.20
N SER B 109 15.66 -29.66 7.95
CA SER B 109 15.82 -30.61 9.03
C SER B 109 17.06 -31.48 8.90
N ASP B 110 17.34 -32.23 9.96
CA ASP B 110 18.46 -33.15 10.00
C ASP B 110 18.01 -34.48 9.38
N THR B 111 18.85 -35.49 9.49
CA THR B 111 18.58 -36.81 8.94
C THR B 111 17.32 -37.48 9.49
N LYS B 112 17.02 -37.22 10.76
CA LYS B 112 15.82 -37.80 11.40
C LYS B 112 14.57 -37.03 10.98
N GLY B 113 14.76 -35.86 10.37
CA GLY B 113 13.63 -35.05 9.95
C GLY B 113 13.23 -34.04 11.01
N ALA B 114 14.11 -33.83 11.99
CA ALA B 114 13.85 -32.88 13.06
C ALA B 114 14.56 -31.55 12.80
N GLY B 115 13.97 -30.48 13.32
CA GLY B 115 14.55 -29.16 13.15
C GLY B 115 13.77 -28.16 13.97
N HIS B 116 14.15 -26.89 13.91
CA HIS B 116 13.43 -25.85 14.67
C HIS B 116 12.85 -24.90 13.65
N PHE B 117 11.57 -25.09 13.37
CA PHE B 117 10.88 -24.27 12.38
C PHE B 117 9.40 -24.65 12.33
N VAL B 118 8.64 -23.84 11.61
CA VAL B 118 7.22 -24.09 11.37
C VAL B 118 7.08 -23.73 9.88
N GLY B 119 6.39 -24.57 9.11
CA GLY B 119 6.25 -24.28 7.71
C GLY B 119 5.18 -25.08 6.99
N VAL B 120 4.96 -24.74 5.72
CA VAL B 120 3.98 -25.39 4.87
C VAL B 120 4.78 -25.97 3.72
N GLU B 121 4.75 -27.30 3.56
CA GLU B 121 5.51 -27.97 2.51
C GLU B 121 4.69 -28.43 1.30
N PHE B 122 5.31 -28.36 0.12
CA PHE B 122 4.71 -28.78 -1.13
C PHE B 122 5.63 -29.92 -1.57
N ASP B 123 5.39 -31.07 -0.97
CA ASP B 123 6.18 -32.28 -1.14
C ASP B 123 5.85 -33.08 -2.38
N THR B 124 6.84 -33.31 -3.23
CA THR B 124 6.64 -34.07 -4.47
C THR B 124 7.28 -35.45 -4.49
N TYR B 125 7.63 -35.98 -3.32
CA TYR B 125 8.23 -37.31 -3.23
C TYR B 125 7.94 -37.93 -1.88
N SER B 126 7.48 -39.18 -1.91
CA SER B 126 7.12 -39.92 -0.70
C SER B 126 8.29 -40.58 0.05
N ASN B 127 8.74 -39.93 1.11
CA ASN B 127 9.82 -40.47 1.93
C ASN B 127 9.19 -41.21 3.08
N SER B 128 9.19 -42.53 2.98
CA SER B 128 8.62 -43.38 4.02
C SER B 128 9.27 -43.17 5.40
N GLU B 129 10.55 -42.83 5.39
CA GLU B 129 11.30 -42.60 6.63
C GLU B 129 10.74 -41.42 7.41
N TYR B 130 9.99 -40.56 6.73
CA TYR B 130 9.40 -39.39 7.35
C TYR B 130 7.88 -39.54 7.38
N ASN B 131 7.41 -40.75 7.08
CA ASN B 131 5.99 -41.07 7.05
C ASN B 131 5.18 -40.25 6.04
N ASP B 132 5.77 -40.02 4.88
CA ASP B 132 5.12 -39.27 3.82
C ASP B 132 3.95 -40.05 3.26
N PRO B 133 2.86 -39.35 2.87
CA PRO B 133 1.69 -40.01 2.29
C PRO B 133 2.16 -40.54 0.93
N PRO B 134 1.44 -41.51 0.36
CA PRO B 134 1.81 -42.09 -0.94
C PRO B 134 1.68 -41.19 -2.17
N THR B 135 1.18 -39.97 -2.02
CA THR B 135 1.02 -39.05 -3.16
C THR B 135 1.62 -37.68 -2.89
N ASP B 136 1.62 -36.82 -3.90
CA ASP B 136 2.10 -35.46 -3.73
C ASP B 136 1.19 -34.89 -2.67
N HIS B 137 1.67 -33.92 -1.91
CA HIS B 137 0.84 -33.37 -0.85
C HIS B 137 1.33 -32.07 -0.31
N VAL B 138 0.43 -31.41 0.41
CA VAL B 138 0.72 -30.15 1.08
C VAL B 138 0.61 -30.56 2.54
N GLY B 139 1.48 -30.03 3.40
CA GLY B 139 1.40 -30.39 4.81
C GLY B 139 1.91 -29.33 5.75
N ILE B 140 1.39 -29.32 6.97
CA ILE B 140 1.82 -28.35 7.97
C ILE B 140 2.89 -29.05 8.80
N ASP B 141 4.08 -28.43 8.86
CA ASP B 141 5.21 -28.97 9.61
C ASP B 141 5.58 -28.16 10.84
N VAL B 142 5.60 -28.81 12.00
CA VAL B 142 6.00 -28.14 13.23
C VAL B 142 7.25 -28.84 13.78
N ASN B 143 8.41 -28.21 13.63
CA ASN B 143 9.69 -28.75 14.08
C ASN B 143 10.04 -30.15 13.53
N SER B 144 9.50 -30.49 12.37
CA SER B 144 9.76 -31.79 11.76
C SER B 144 9.10 -31.92 10.38
N VAL B 145 9.72 -32.66 9.48
CA VAL B 145 9.17 -32.86 8.14
C VAL B 145 8.20 -34.03 8.16
N ASP B 146 7.94 -34.54 9.36
CA ASP B 146 6.95 -35.60 9.54
C ASP B 146 5.74 -34.73 9.87
N SER B 147 5.04 -34.32 8.83
CA SER B 147 3.90 -33.44 8.93
C SER B 147 2.88 -33.74 9.99
N VAL B 148 2.44 -32.69 10.67
CA VAL B 148 1.42 -32.78 11.71
C VAL B 148 0.09 -33.13 11.02
N LYS B 149 -0.07 -32.64 9.81
CA LYS B 149 -1.28 -32.87 9.02
C LYS B 149 -0.95 -32.66 7.55
N THR B 150 -1.53 -33.48 6.69
CA THR B 150 -1.31 -33.38 5.24
C THR B 150 -2.63 -33.50 4.46
N VAL B 151 -2.61 -33.06 3.21
CA VAL B 151 -3.76 -33.12 2.33
C VAL B 151 -3.21 -33.47 0.93
N PRO B 152 -3.88 -34.40 0.21
CA PRO B 152 -3.44 -34.80 -1.12
C PRO B 152 -3.39 -33.60 -2.07
N TRP B 153 -2.45 -33.63 -3.01
CA TRP B 153 -2.27 -32.54 -3.95
C TRP B 153 -1.67 -33.15 -5.21
N ASN B 154 -1.47 -32.32 -6.23
CA ASN B 154 -0.90 -32.79 -7.49
C ASN B 154 0.00 -31.73 -8.09
N SER B 155 1.28 -32.03 -8.21
CA SER B 155 2.24 -31.10 -8.76
C SER B 155 2.30 -31.25 -10.27
N VAL B 156 1.99 -30.18 -10.98
CA VAL B 156 2.00 -30.21 -12.43
C VAL B 156 3.23 -29.50 -12.97
N SER B 157 4.04 -30.23 -13.70
CA SER B 157 5.26 -29.73 -14.28
C SER B 157 5.03 -28.51 -15.18
N GLY B 158 5.68 -27.41 -14.86
CA GLY B 158 5.54 -26.20 -15.66
C GLY B 158 4.36 -25.33 -15.29
N ALA B 159 3.57 -25.76 -14.32
CA ALA B 159 2.41 -25.00 -13.89
C ALA B 159 2.76 -23.96 -12.83
N VAL B 160 2.17 -22.77 -12.95
CA VAL B 160 2.41 -21.71 -11.97
C VAL B 160 1.34 -21.90 -10.89
N VAL B 161 1.77 -22.10 -9.66
CA VAL B 161 0.85 -22.30 -8.54
C VAL B 161 0.82 -21.06 -7.64
N LYS B 162 -0.38 -20.70 -7.16
CA LYS B 162 -0.53 -19.54 -6.28
C LYS B 162 -0.97 -20.01 -4.91
N VAL B 163 -0.40 -19.43 -3.87
CA VAL B 163 -0.73 -19.81 -2.51
C VAL B 163 -1.05 -18.59 -1.67
N THR B 164 -2.02 -18.72 -0.76
CA THR B 164 -2.39 -17.64 0.13
C THR B 164 -2.45 -18.25 1.52
N VAL B 165 -1.76 -17.63 2.47
CA VAL B 165 -1.70 -18.09 3.85
C VAL B 165 -2.19 -16.99 4.80
N ILE B 166 -3.01 -17.37 5.77
CA ILE B 166 -3.54 -16.44 6.78
C ILE B 166 -3.31 -17.05 8.16
N TYR B 167 -2.72 -16.28 9.07
CA TYR B 167 -2.51 -16.76 10.42
C TYR B 167 -3.25 -15.80 11.33
N ASP B 168 -4.26 -16.30 12.03
CA ASP B 168 -5.05 -15.48 12.94
C ASP B 168 -4.52 -15.68 14.35
N SER B 169 -3.94 -14.63 14.91
CA SER B 169 -3.40 -14.68 16.26
C SER B 169 -4.36 -15.22 17.32
N SER B 170 -5.58 -14.69 17.35
CA SER B 170 -6.59 -15.10 18.34
C SER B 170 -6.79 -16.60 18.43
N THR B 171 -7.12 -17.22 17.31
CA THR B 171 -7.34 -18.66 17.28
C THR B 171 -6.05 -19.45 17.10
N LYS B 172 -4.99 -18.78 16.68
CA LYS B 172 -3.71 -19.42 16.42
C LYS B 172 -3.93 -20.44 15.32
N THR B 173 -4.70 -20.04 14.31
CA THR B 173 -5.00 -20.94 13.20
C THR B 173 -4.21 -20.51 11.98
N LEU B 174 -3.59 -21.49 11.33
CA LEU B 174 -2.82 -21.22 10.10
C LEU B 174 -3.62 -21.90 9.00
N SER B 175 -4.13 -21.11 8.05
CA SER B 175 -4.91 -21.64 6.93
C SER B 175 -4.26 -21.34 5.61
N VAL B 176 -4.25 -22.35 4.74
CA VAL B 176 -3.63 -22.25 3.43
C VAL B 176 -4.61 -22.57 2.31
N ALA B 177 -4.55 -21.76 1.25
CA ALA B 177 -5.39 -21.97 0.07
C ALA B 177 -4.44 -22.04 -1.12
N VAL B 178 -4.41 -23.19 -1.79
CA VAL B 178 -3.55 -23.40 -2.95
C VAL B 178 -4.43 -23.44 -4.21
N THR B 179 -4.17 -22.51 -5.13
CA THR B 179 -4.91 -22.44 -6.38
C THR B 179 -4.11 -23.11 -7.50
N ASN B 180 -4.54 -24.29 -7.89
CA ASN B 180 -3.87 -25.05 -8.94
C ASN B 180 -4.01 -24.40 -10.31
N ASP B 181 -3.31 -24.99 -11.28
CA ASP B 181 -3.29 -24.50 -12.64
C ASP B 181 -4.67 -24.61 -13.28
N ASN B 182 -5.34 -25.74 -13.08
CA ASN B 182 -6.66 -25.99 -13.65
C ASN B 182 -7.83 -25.24 -12.98
N GLY B 183 -7.53 -24.42 -11.98
CA GLY B 183 -8.59 -23.68 -11.31
C GLY B 183 -9.05 -24.18 -9.95
N ASP B 184 -8.91 -25.48 -9.70
CA ASP B 184 -9.33 -26.07 -8.42
C ASP B 184 -8.48 -25.55 -7.26
N ILE B 185 -9.08 -25.42 -6.09
CA ILE B 185 -8.34 -24.99 -4.91
C ILE B 185 -8.19 -26.14 -3.92
N THR B 186 -7.10 -26.12 -3.17
CA THR B 186 -6.81 -27.12 -2.16
C THR B 186 -6.56 -26.33 -0.88
N THR B 187 -7.21 -26.71 0.22
CA THR B 187 -6.98 -26.00 1.47
C THR B 187 -6.61 -26.93 2.60
N ILE B 188 -5.88 -26.39 3.57
CA ILE B 188 -5.47 -27.15 4.75
C ILE B 188 -5.31 -26.11 5.85
N ALA B 189 -5.70 -26.45 7.06
CA ALA B 189 -5.58 -25.53 8.19
C ALA B 189 -5.23 -26.33 9.44
N GLN B 190 -4.56 -25.68 10.39
CA GLN B 190 -4.12 -26.33 11.61
C GLN B 190 -3.81 -25.28 12.67
N VAL B 191 -4.11 -25.60 13.92
CA VAL B 191 -3.83 -24.68 15.03
C VAL B 191 -2.38 -24.88 15.47
N VAL B 192 -1.60 -23.80 15.39
CA VAL B 192 -0.19 -23.83 15.75
C VAL B 192 0.09 -22.60 16.61
N ASP B 193 0.62 -22.81 17.80
CA ASP B 193 0.94 -21.71 18.71
C ASP B 193 2.37 -21.23 18.46
N LEU B 194 2.51 -20.19 17.65
CA LEU B 194 3.83 -19.66 17.31
C LEU B 194 4.61 -19.23 18.55
N LYS B 195 3.93 -18.62 19.49
CA LYS B 195 4.55 -18.13 20.72
C LYS B 195 5.24 -19.24 21.53
N ALA B 196 4.70 -20.44 21.45
CA ALA B 196 5.25 -21.57 22.18
C ALA B 196 6.28 -22.40 21.40
N LYS B 197 6.32 -22.23 20.08
CA LYS B 197 7.24 -23.00 19.25
C LYS B 197 8.43 -22.20 18.72
N LEU B 198 8.28 -20.89 18.63
CA LEU B 198 9.33 -20.05 18.08
C LEU B 198 9.64 -18.87 18.99
N PRO B 199 10.83 -18.29 18.84
CA PRO B 199 11.22 -17.15 19.67
C PRO B 199 10.54 -15.86 19.20
N GLU B 200 10.72 -14.77 19.92
CA GLU B 200 10.11 -13.49 19.56
C GLU B 200 10.47 -12.98 18.16
N ARG B 201 11.73 -13.10 17.79
CA ARG B 201 12.18 -12.63 16.47
C ARG B 201 12.44 -13.84 15.61
N VAL B 202 11.87 -13.85 14.42
CA VAL B 202 12.04 -14.94 13.47
C VAL B 202 12.30 -14.39 12.07
N LYS B 203 12.57 -15.28 11.12
CA LYS B 203 12.80 -14.91 9.73
C LYS B 203 11.94 -15.83 8.87
N PHE B 204 11.38 -15.27 7.80
CA PHE B 204 10.51 -16.02 6.90
C PHE B 204 11.26 -16.29 5.61
N GLY B 205 10.94 -17.39 4.94
CA GLY B 205 11.61 -17.69 3.70
C GLY B 205 11.17 -18.98 3.06
N PHE B 206 11.84 -19.33 1.98
CA PHE B 206 11.56 -20.55 1.23
C PHE B 206 12.81 -21.41 1.19
N SER B 207 12.64 -22.70 0.94
CA SER B 207 13.74 -23.65 0.88
C SER B 207 13.33 -24.81 -0.03
N ALA B 208 14.31 -25.39 -0.73
CA ALA B 208 14.04 -26.51 -1.62
C ALA B 208 15.28 -27.37 -1.66
N SER B 209 15.14 -28.64 -2.03
CA SER B 209 16.28 -29.53 -2.09
C SER B 209 16.12 -30.68 -3.06
N GLY B 210 17.24 -31.36 -3.32
CA GLY B 210 17.26 -32.51 -4.21
C GLY B 210 18.20 -33.56 -3.65
N SER B 211 18.36 -34.66 -4.36
CA SER B 211 19.23 -35.75 -3.91
C SER B 211 20.21 -36.07 -5.04
N LEU B 212 20.61 -37.33 -5.17
CA LEU B 212 21.51 -37.70 -6.25
C LEU B 212 20.69 -37.96 -7.50
N GLY B 213 19.68 -38.81 -7.36
CA GLY B 213 18.80 -39.16 -8.47
C GLY B 213 17.55 -38.31 -8.59
N GLY B 214 17.22 -37.57 -7.54
CA GLY B 214 16.04 -36.73 -7.57
C GLY B 214 16.38 -35.27 -7.68
N ARG B 215 15.99 -34.64 -8.78
CA ARG B 215 16.25 -33.23 -9.03
C ARG B 215 15.19 -32.69 -9.99
N GLN B 216 14.87 -31.41 -9.85
CA GLN B 216 13.89 -30.73 -10.69
C GLN B 216 14.06 -29.24 -10.46
N ILE B 217 13.44 -28.42 -11.31
CA ILE B 217 13.52 -26.97 -11.19
C ILE B 217 12.54 -26.46 -10.14
N HIS B 218 13.04 -25.70 -9.17
CA HIS B 218 12.21 -25.12 -8.11
C HIS B 218 12.31 -23.62 -8.27
N LEU B 219 11.22 -22.96 -8.64
CA LEU B 219 11.23 -21.52 -8.85
C LEU B 219 10.27 -20.75 -7.95
N ILE B 220 10.71 -19.59 -7.50
CA ILE B 220 9.88 -18.69 -6.69
C ILE B 220 9.72 -17.47 -7.61
N ARG B 221 8.48 -17.11 -7.92
CA ARG B 221 8.22 -16.01 -8.83
C ARG B 221 7.84 -14.67 -8.19
N SER B 222 7.11 -14.71 -7.10
CA SER B 222 6.71 -13.49 -6.42
C SER B 222 6.38 -13.77 -4.97
N TRP B 223 6.30 -12.72 -4.15
CA TRP B 223 6.02 -12.89 -2.74
C TRP B 223 5.66 -11.56 -2.10
N SER B 224 4.50 -11.50 -1.44
CA SER B 224 4.05 -10.29 -0.75
C SER B 224 3.76 -10.74 0.67
N PHE B 225 3.92 -9.85 1.63
CA PHE B 225 3.75 -10.22 3.02
C PHE B 225 3.37 -9.01 3.88
N THR B 226 2.49 -9.23 4.86
CA THR B 226 2.08 -8.19 5.81
C THR B 226 1.76 -8.85 7.14
N SER B 227 2.35 -8.32 8.20
CA SER B 227 2.11 -8.83 9.55
C SER B 227 1.81 -7.63 10.42
N THR B 228 0.92 -7.81 11.39
CA THR B 228 0.57 -6.72 12.28
C THR B 228 0.50 -7.23 13.72
N LEU B 229 1.27 -6.60 14.59
CA LEU B 229 1.31 -6.93 16.00
C LEU B 229 0.69 -5.81 16.81
N ILE B 230 -0.25 -6.16 17.69
CA ILE B 230 -0.91 -5.17 18.52
C ILE B 230 0.04 -4.81 19.64
N THR B 231 0.49 -3.56 19.62
CA THR B 231 1.41 -3.08 20.63
C THR B 231 0.63 -2.26 21.65
N THR B 232 -0.16 -2.95 22.48
CA THR B 232 -0.99 -2.33 23.53
C THR B 232 -1.78 -3.41 24.32
N ALA C 1 -14.05 -33.34 -9.06
CA ALA C 1 -14.33 -32.18 -8.18
C ALA C 1 -15.35 -31.25 -8.85
N GLU C 2 -16.17 -30.60 -8.04
CA GLU C 2 -17.21 -29.69 -8.52
C GLU C 2 -16.77 -28.27 -8.15
N THR C 3 -16.40 -27.48 -9.15
CA THR C 3 -15.91 -26.12 -8.90
C THR C 3 -16.71 -25.00 -9.54
N VAL C 4 -16.90 -23.94 -8.77
CA VAL C 4 -17.62 -22.75 -9.20
C VAL C 4 -16.66 -21.60 -8.99
N SER C 5 -16.41 -20.82 -10.04
CA SER C 5 -15.53 -19.66 -9.91
C SER C 5 -15.93 -18.49 -10.81
N PHE C 6 -15.85 -17.28 -10.27
CA PHE C 6 -16.19 -16.09 -11.02
C PHE C 6 -15.32 -14.93 -10.57
N ASN C 7 -15.20 -13.91 -11.42
CA ASN C 7 -14.40 -12.74 -11.12
C ASN C 7 -15.05 -11.48 -11.68
N PHE C 8 -15.33 -10.52 -10.81
CA PHE C 8 -15.95 -9.27 -11.21
C PHE C 8 -15.02 -8.11 -10.90
N ASN C 9 -14.57 -7.40 -11.92
CA ASN C 9 -13.69 -6.25 -11.74
C ASN C 9 -14.55 -4.99 -11.73
N SER C 10 -15.75 -5.12 -12.28
CA SER C 10 -16.73 -4.05 -12.34
C SER C 10 -18.07 -4.72 -12.59
N PHE C 11 -19.14 -4.13 -12.09
CA PHE C 11 -20.47 -4.69 -12.26
C PHE C 11 -21.27 -3.85 -13.25
N SER C 12 -22.31 -4.45 -13.80
CA SER C 12 -23.16 -3.73 -14.75
C SER C 12 -24.59 -4.21 -14.57
N GLU C 13 -25.53 -3.29 -14.67
CA GLU C 13 -26.94 -3.65 -14.55
C GLU C 13 -27.33 -4.41 -15.83
N GLY C 14 -28.11 -5.47 -15.66
CA GLY C 14 -28.51 -6.25 -16.82
C GLY C 14 -27.72 -7.53 -16.96
N ASN C 15 -26.73 -7.74 -16.10
CA ASN C 15 -25.92 -8.95 -16.14
C ASN C 15 -26.67 -10.03 -15.38
N PRO C 16 -27.16 -11.06 -16.09
CA PRO C 16 -27.91 -12.18 -15.49
C PRO C 16 -27.21 -12.97 -14.38
N ALA C 17 -25.89 -12.78 -14.24
CA ALA C 17 -25.13 -13.47 -13.22
C ALA C 17 -25.33 -12.85 -11.85
N ILE C 18 -25.93 -11.66 -11.80
CA ILE C 18 -26.16 -10.98 -10.54
C ILE C 18 -27.60 -10.64 -10.21
N ASN C 19 -27.96 -10.80 -8.94
CA ASN C 19 -29.31 -10.49 -8.44
C ASN C 19 -29.28 -9.25 -7.59
N PHE C 20 -30.17 -8.31 -7.87
CA PHE C 20 -30.25 -7.09 -7.11
C PHE C 20 -31.53 -7.11 -6.27
N GLN C 21 -31.42 -6.77 -4.99
CA GLN C 21 -32.57 -6.75 -4.12
C GLN C 21 -32.52 -5.43 -3.36
N GLY C 22 -33.65 -4.78 -3.23
CA GLY C 22 -33.68 -3.52 -2.50
C GLY C 22 -33.15 -2.31 -3.27
N ASP C 23 -32.64 -1.33 -2.53
CA ASP C 23 -32.13 -0.07 -3.07
C ASP C 23 -30.79 -0.08 -3.82
N VAL C 24 -30.34 -1.26 -4.25
CA VAL C 24 -29.07 -1.36 -4.95
C VAL C 24 -29.11 -0.58 -6.25
N THR C 25 -27.95 -0.03 -6.63
CA THR C 25 -27.82 0.72 -7.86
C THR C 25 -26.38 0.57 -8.39
N VAL C 26 -26.23 0.48 -9.71
CA VAL C 26 -24.91 0.33 -10.30
C VAL C 26 -24.44 1.66 -10.86
N LEU C 27 -23.41 2.23 -10.26
CA LEU C 27 -22.85 3.51 -10.69
C LEU C 27 -22.19 3.39 -12.05
N SER C 28 -21.99 4.52 -12.71
CA SER C 28 -21.37 4.57 -14.03
C SER C 28 -19.92 4.09 -14.07
N ASN C 29 -19.25 4.11 -12.92
CA ASN C 29 -17.86 3.68 -12.85
C ASN C 29 -17.76 2.19 -12.60
N GLY C 30 -18.89 1.49 -12.64
CA GLY C 30 -18.91 0.05 -12.44
C GLY C 30 -19.08 -0.44 -11.01
N ASN C 31 -19.18 0.49 -10.08
CA ASN C 31 -19.33 0.12 -8.67
C ASN C 31 -20.78 -0.09 -8.32
N ILE C 32 -21.01 -0.85 -7.25
CA ILE C 32 -22.35 -1.10 -6.80
C ILE C 32 -22.56 -0.28 -5.53
N GLN C 33 -23.61 0.54 -5.50
CA GLN C 33 -23.90 1.33 -4.31
C GLN C 33 -25.06 0.59 -3.66
N LEU C 34 -24.83 0.05 -2.47
CA LEU C 34 -25.85 -0.74 -1.78
C LEU C 34 -27.07 -0.03 -1.21
N THR C 35 -26.91 1.19 -0.72
CA THR C 35 -28.07 1.87 -0.15
C THR C 35 -28.37 3.20 -0.81
N ASN C 36 -29.61 3.65 -0.64
CA ASN C 36 -30.08 4.91 -1.19
C ASN C 36 -29.96 5.98 -0.10
N LEU C 37 -29.13 6.98 -0.33
CA LEU C 37 -28.90 8.05 0.64
C LEU C 37 -30.12 8.90 1.00
N ASN C 38 -31.18 8.82 0.18
CA ASN C 38 -32.39 9.61 0.41
C ASN C 38 -33.57 8.83 0.97
N LYS C 39 -33.37 7.56 1.31
CA LYS C 39 -34.45 6.75 1.85
C LYS C 39 -34.26 6.42 3.32
N VAL C 40 -35.35 6.44 4.07
CA VAL C 40 -35.31 6.12 5.47
C VAL C 40 -35.23 4.58 5.54
N ASN C 41 -34.42 4.07 6.45
CA ASN C 41 -34.26 2.62 6.61
C ASN C 41 -33.97 1.88 5.30
N SER C 42 -33.08 2.47 4.49
CA SER C 42 -32.70 1.89 3.22
C SER C 42 -32.00 0.53 3.40
N VAL C 43 -32.18 -0.37 2.43
CA VAL C 43 -31.58 -1.70 2.46
C VAL C 43 -31.35 -2.17 1.03
N GLY C 44 -30.13 -2.61 0.76
CA GLY C 44 -29.78 -3.07 -0.57
C GLY C 44 -28.91 -4.30 -0.46
N ARG C 45 -29.11 -5.25 -1.36
CA ARG C 45 -28.36 -6.50 -1.35
C ARG C 45 -28.07 -6.95 -2.76
N VAL C 46 -26.93 -7.59 -2.94
CA VAL C 46 -26.54 -8.12 -4.23
C VAL C 46 -26.14 -9.57 -3.99
N LEU C 47 -26.62 -10.47 -4.83
CA LEU C 47 -26.33 -11.89 -4.69
C LEU C 47 -25.84 -12.46 -6.00
N TYR C 48 -25.04 -13.51 -5.93
CA TYR C 48 -24.56 -14.15 -7.14
C TYR C 48 -25.79 -14.97 -7.55
N ALA C 49 -26.26 -14.78 -8.76
CA ALA C 49 -27.45 -15.46 -9.27
C ALA C 49 -27.54 -16.97 -9.16
N MET C 50 -26.45 -17.65 -9.49
CA MET C 50 -26.42 -19.11 -9.46
C MET C 50 -26.19 -19.67 -8.06
N PRO C 51 -27.08 -20.58 -7.61
CA PRO C 51 -26.90 -21.15 -6.28
C PRO C 51 -25.69 -22.09 -6.29
N VAL C 52 -24.91 -22.04 -5.22
CA VAL C 52 -23.74 -22.89 -5.10
C VAL C 52 -24.06 -24.00 -4.11
N ARG C 53 -23.69 -25.21 -4.48
CA ARG C 53 -23.89 -26.40 -3.68
C ARG C 53 -22.70 -26.54 -2.74
N ILE C 54 -22.86 -26.15 -1.49
CA ILE C 54 -21.76 -26.22 -0.52
C ILE C 54 -21.58 -27.57 0.18
N TRP C 55 -22.58 -28.45 0.13
CA TRP C 55 -22.42 -29.77 0.75
C TRP C 55 -23.35 -30.78 0.13
N SER C 56 -22.93 -32.04 0.14
CA SER C 56 -23.72 -33.10 -0.44
C SER C 56 -24.27 -34.04 0.60
N SER C 57 -25.56 -34.32 0.52
CA SER C 57 -26.23 -35.22 1.44
C SER C 57 -25.83 -36.66 1.11
N ALA C 58 -25.46 -36.86 -0.15
CA ALA C 58 -25.05 -38.16 -0.65
C ALA C 58 -23.72 -38.61 -0.04
N THR C 59 -22.69 -37.80 -0.22
CA THR C 59 -21.35 -38.10 0.29
C THR C 59 -21.11 -37.63 1.71
N GLY C 60 -21.64 -36.47 2.04
CA GLY C 60 -21.46 -35.90 3.36
C GLY C 60 -20.35 -34.86 3.32
N ASN C 61 -19.77 -34.64 2.14
CA ASN C 61 -18.69 -33.67 1.97
C ASN C 61 -19.18 -32.23 2.01
N VAL C 62 -18.31 -31.34 2.49
CA VAL C 62 -18.61 -29.92 2.54
C VAL C 62 -17.53 -29.32 1.65
N ALA C 63 -17.84 -28.20 1.01
CA ALA C 63 -16.90 -27.55 0.10
C ALA C 63 -15.96 -26.60 0.80
N SER C 64 -14.87 -26.27 0.11
CA SER C 64 -13.90 -25.30 0.62
C SER C 64 -14.01 -24.14 -0.34
N PHE C 65 -13.77 -22.93 0.14
CA PHE C 65 -13.82 -21.78 -0.75
C PHE C 65 -12.81 -20.70 -0.41
N LEU C 66 -12.44 -19.95 -1.44
CA LEU C 66 -11.51 -18.85 -1.33
C LEU C 66 -12.19 -17.70 -2.09
N THR C 67 -12.40 -16.60 -1.39
CA THR C 67 -13.04 -15.44 -1.99
C THR C 67 -12.40 -14.16 -1.45
N SER C 68 -12.26 -13.17 -2.32
CA SER C 68 -11.70 -11.88 -1.93
C SER C 68 -12.49 -10.78 -2.62
N PHE C 69 -12.68 -9.67 -1.92
CA PHE C 69 -13.42 -8.54 -2.44
C PHE C 69 -12.91 -7.26 -1.81
N SER C 70 -13.26 -6.12 -2.40
CA SER C 70 -12.86 -4.82 -1.88
C SER C 70 -14.06 -3.89 -1.85
N PHE C 71 -14.16 -3.11 -0.80
CA PHE C 71 -15.27 -2.19 -0.66
C PHE C 71 -14.80 -0.83 -0.22
N GLU C 72 -15.70 0.14 -0.21
CA GLU C 72 -15.39 1.49 0.22
C GLU C 72 -16.61 2.09 0.91
N MET C 73 -16.38 2.74 2.04
CA MET C 73 -17.45 3.38 2.79
C MET C 73 -17.05 4.83 2.97
N LYS C 74 -17.94 5.76 2.61
CA LYS C 74 -17.64 7.17 2.76
C LYS C 74 -18.77 7.93 3.45
N ASP C 75 -18.40 8.90 4.27
CA ASP C 75 -19.34 9.72 5.01
C ASP C 75 -20.05 10.75 4.16
N ILE C 76 -21.29 11.04 4.52
CA ILE C 76 -22.07 12.05 3.84
C ILE C 76 -22.40 13.06 4.92
N LYS C 77 -22.64 14.30 4.49
CA LYS C 77 -22.92 15.41 5.39
C LYS C 77 -24.17 15.22 6.23
N ASP C 78 -24.10 15.68 7.47
CA ASP C 78 -25.22 15.64 8.43
C ASP C 78 -25.68 14.30 8.95
N TYR C 79 -25.35 13.22 8.28
CA TYR C 79 -25.77 11.89 8.72
C TYR C 79 -24.68 11.11 9.42
N ASP C 80 -25.07 10.32 10.41
CA ASP C 80 -24.13 9.46 11.13
C ASP C 80 -23.73 8.35 10.17
N PRO C 81 -22.44 8.07 10.05
CA PRO C 81 -21.94 7.01 9.17
C PRO C 81 -22.35 5.66 9.74
N ALA C 82 -23.42 5.09 9.18
CA ALA C 82 -23.96 3.81 9.64
C ALA C 82 -24.68 3.19 8.44
N ASP C 83 -24.95 1.89 8.48
CA ASP C 83 -24.58 0.99 9.59
C ASP C 83 -23.46 0.00 9.26
N GLY C 84 -23.19 -0.22 7.99
CA GLY C 84 -22.14 -1.15 7.63
C GLY C 84 -22.49 -2.07 6.47
N ILE C 85 -21.56 -3.00 6.19
CA ILE C 85 -21.69 -3.98 5.11
C ILE C 85 -21.54 -5.40 5.69
N ILE C 86 -22.19 -6.38 5.07
CA ILE C 86 -22.07 -7.77 5.51
C ILE C 86 -22.01 -8.73 4.32
N PHE C 87 -20.99 -9.58 4.31
CA PHE C 87 -20.83 -10.58 3.25
C PHE C 87 -21.52 -11.79 3.85
N PHE C 88 -22.58 -12.28 3.21
CA PHE C 88 -23.32 -13.40 3.76
C PHE C 88 -23.56 -14.58 2.85
N ILE C 89 -23.96 -15.68 3.47
CA ILE C 89 -24.27 -16.94 2.82
C ILE C 89 -25.65 -17.29 3.36
N ALA C 90 -26.61 -17.55 2.47
CA ALA C 90 -27.96 -17.86 2.92
C ALA C 90 -28.64 -18.81 1.95
N PRO C 91 -29.82 -19.34 2.33
CA PRO C 91 -30.58 -20.27 1.47
C PRO C 91 -30.89 -19.64 0.11
N GLU C 92 -31.05 -20.47 -0.92
CA GLU C 92 -31.33 -19.94 -2.24
C GLU C 92 -32.58 -19.07 -2.38
N ASP C 93 -33.52 -19.22 -1.45
CA ASP C 93 -34.76 -18.43 -1.50
C ASP C 93 -34.67 -17.13 -0.69
N THR C 94 -33.46 -16.76 -0.26
CA THR C 94 -33.27 -15.58 0.56
C THR C 94 -33.78 -14.27 -0.04
N GLN C 95 -34.49 -13.50 0.80
CA GLN C 95 -35.07 -12.20 0.43
C GLN C 95 -34.89 -11.28 1.63
N ILE C 96 -34.94 -9.97 1.38
CA ILE C 96 -34.81 -8.99 2.45
C ILE C 96 -35.94 -9.25 3.43
N PRO C 97 -35.64 -9.30 4.74
CA PRO C 97 -36.68 -9.54 5.75
C PRO C 97 -37.89 -8.64 5.59
N ALA C 98 -39.07 -9.21 5.74
CA ALA C 98 -40.31 -8.46 5.62
C ALA C 98 -40.40 -7.40 6.71
N GLY C 99 -40.64 -6.16 6.30
CA GLY C 99 -40.74 -5.06 7.25
C GLY C 99 -39.41 -4.75 7.90
N SER C 100 -38.31 -4.88 7.14
CA SER C 100 -36.98 -4.61 7.65
C SER C 100 -36.82 -3.16 8.08
N ILE C 101 -36.30 -2.96 9.27
CA ILE C 101 -36.07 -1.61 9.80
C ILE C 101 -34.68 -1.10 9.39
N GLY C 102 -34.01 -1.84 8.52
CA GLY C 102 -32.67 -1.45 8.09
C GLY C 102 -31.80 -1.35 9.33
N GLY C 103 -31.15 -0.21 9.53
CA GLY C 103 -30.31 0.01 10.69
C GLY C 103 -29.36 -1.12 11.05
N GLY C 104 -29.29 -1.42 12.34
CA GLY C 104 -28.40 -2.46 12.82
C GLY C 104 -28.71 -3.89 12.40
N THR C 105 -29.70 -4.11 11.56
CA THR C 105 -30.00 -5.49 11.14
C THR C 105 -29.20 -5.83 9.90
N LEU C 106 -28.54 -4.81 9.32
CA LEU C 106 -27.70 -4.96 8.13
C LEU C 106 -28.44 -5.60 6.94
N GLY C 107 -29.77 -5.56 6.98
CA GLY C 107 -30.57 -6.11 5.90
C GLY C 107 -30.65 -7.62 5.82
N VAL C 108 -30.23 -8.31 6.89
CA VAL C 108 -30.26 -9.78 6.89
C VAL C 108 -31.06 -10.39 8.04
N SER C 109 -31.41 -9.58 9.05
CA SER C 109 -32.15 -10.07 10.19
C SER C 109 -33.41 -9.30 10.52
N ASP C 110 -34.20 -9.84 11.44
CA ASP C 110 -35.42 -9.20 11.88
C ASP C 110 -35.07 -8.21 12.98
N THR C 111 -36.09 -7.68 13.64
CA THR C 111 -35.92 -6.71 14.72
C THR C 111 -35.12 -7.24 15.90
N LYS C 112 -35.24 -8.53 16.19
CA LYS C 112 -34.51 -9.13 17.30
C LYS C 112 -33.06 -9.39 16.92
N GLY C 113 -32.77 -9.32 15.62
CA GLY C 113 -31.42 -9.57 15.14
C GLY C 113 -31.22 -11.01 14.73
N ALA C 114 -32.31 -11.74 14.59
CA ALA C 114 -32.27 -13.14 14.19
C ALA C 114 -32.56 -13.29 12.70
N GLY C 115 -32.00 -14.34 12.11
CA GLY C 115 -32.19 -14.61 10.69
C GLY C 115 -31.55 -15.95 10.35
N HIS C 116 -31.62 -16.34 9.08
CA HIS C 116 -31.01 -17.59 8.66
C HIS C 116 -29.91 -17.25 7.67
N PHE C 117 -28.68 -17.24 8.17
CA PHE C 117 -27.53 -16.90 7.35
C PHE C 117 -26.26 -17.06 8.16
N VAL C 118 -25.13 -16.95 7.46
CA VAL C 118 -23.81 -16.99 8.08
C VAL C 118 -23.08 -15.88 7.31
N GLY C 119 -22.35 -15.03 8.02
CA GLY C 119 -21.63 -13.96 7.35
C GLY C 119 -20.57 -13.27 8.17
N VAL C 120 -19.85 -12.36 7.53
CA VAL C 120 -18.79 -11.58 8.14
C VAL C 120 -19.23 -10.12 8.01
N GLU C 121 -19.41 -9.44 9.14
CA GLU C 121 -19.86 -8.05 9.12
C GLU C 121 -18.77 -7.01 9.41
N PHE C 122 -18.90 -5.86 8.75
CA PHE C 122 -17.99 -4.72 8.91
C PHE C 122 -18.90 -3.62 9.44
N ASP C 123 -19.18 -3.73 10.74
CA ASP C 123 -20.10 -2.89 11.49
C ASP C 123 -19.51 -1.55 11.92
N THR C 124 -20.15 -0.46 11.50
CA THR C 124 -19.68 0.88 11.83
C THR C 124 -20.55 1.63 12.83
N TYR C 125 -21.39 0.92 13.57
CA TYR C 125 -22.23 1.57 14.56
C TYR C 125 -22.58 0.57 15.66
N SER C 126 -22.42 1.00 16.90
CA SER C 126 -22.67 0.17 18.07
C SER C 126 -24.15 0.08 18.52
N ASN C 127 -24.82 -1.00 18.14
CA ASN C 127 -26.21 -1.22 18.54
C ASN C 127 -26.19 -2.07 19.79
N SER C 128 -26.43 -1.44 20.92
CA SER C 128 -26.45 -2.13 22.19
C SER C 128 -27.50 -3.23 22.24
N GLU C 129 -28.60 -3.05 21.52
CA GLU C 129 -29.67 -4.05 21.48
C GLU C 129 -29.19 -5.36 20.89
N TYR C 130 -28.09 -5.33 20.15
CA TYR C 130 -27.52 -6.53 19.53
C TYR C 130 -26.19 -6.85 20.16
N ASN C 131 -25.92 -6.19 21.29
CA ASN C 131 -24.66 -6.38 22.04
C ASN C 131 -23.41 -6.05 21.24
N ASP C 132 -23.49 -4.98 20.45
CA ASP C 132 -22.35 -4.54 19.66
C ASP C 132 -21.24 -3.99 20.55
N PRO C 133 -19.98 -4.22 20.16
CA PRO C 133 -18.83 -3.72 20.92
C PRO C 133 -18.89 -2.20 20.80
N PRO C 134 -18.21 -1.48 21.71
CA PRO C 134 -18.21 -0.01 21.67
C PRO C 134 -17.47 0.65 20.52
N THR C 135 -16.84 -0.12 19.65
CA THR C 135 -16.08 0.45 18.52
C THR C 135 -16.44 -0.22 17.21
N ASP C 136 -15.91 0.31 16.11
CA ASP C 136 -16.13 -0.29 14.81
C ASP C 136 -15.54 -1.68 14.96
N HIS C 137 -16.05 -2.64 14.20
CA HIS C 137 -15.55 -3.99 14.34
C HIS C 137 -15.91 -4.91 13.21
N VAL C 138 -15.21 -6.03 13.16
CA VAL C 138 -15.46 -7.06 12.16
C VAL C 138 -15.97 -8.22 13.04
N GLY C 139 -16.97 -8.96 12.57
CA GLY C 139 -17.48 -10.04 13.39
C GLY C 139 -18.06 -11.19 12.59
N ILE C 140 -18.04 -12.40 13.16
CA ILE C 140 -18.58 -13.58 12.51
C ILE C 140 -19.99 -13.77 13.04
N ASP C 141 -20.96 -13.76 12.13
CA ASP C 141 -22.36 -13.89 12.48
C ASP C 141 -22.96 -15.22 12.04
N VAL C 142 -23.57 -15.94 12.97
CA VAL C 142 -24.22 -17.22 12.67
C VAL C 142 -25.70 -17.10 13.04
N ASN C 143 -26.55 -16.93 12.04
CA ASN C 143 -28.00 -16.79 12.24
C ASN C 143 -28.40 -15.64 13.18
N SER C 144 -27.56 -14.60 13.26
CA SER C 144 -27.86 -13.47 14.12
C SER C 144 -26.81 -12.38 14.00
N VAL C 145 -27.22 -11.12 14.18
CA VAL C 145 -26.28 -10.00 14.10
C VAL C 145 -25.64 -9.78 15.47
N ASP C 146 -25.93 -10.68 16.39
CA ASP C 146 -25.32 -10.63 17.71
C ASP C 146 -24.15 -11.59 17.44
N SER C 147 -23.05 -11.02 16.97
CA SER C 147 -21.86 -11.76 16.60
C SER C 147 -21.36 -12.81 17.57
N VAL C 148 -20.99 -13.96 17.01
CA VAL C 148 -20.45 -15.08 17.79
C VAL C 148 -19.09 -14.65 18.31
N LYS C 149 -18.39 -13.83 17.52
CA LYS C 149 -17.06 -13.35 17.87
C LYS C 149 -16.81 -12.06 17.09
N THR C 150 -16.13 -11.10 17.73
CA THR C 150 -15.78 -9.83 17.08
C THR C 150 -14.34 -9.43 17.37
N VAL C 151 -13.82 -8.51 16.57
CA VAL C 151 -12.46 -8.01 16.70
C VAL C 151 -12.53 -6.51 16.37
N PRO C 152 -11.85 -5.65 17.16
CA PRO C 152 -11.86 -4.20 16.92
C PRO C 152 -11.32 -3.88 15.55
N TRP C 153 -11.86 -2.83 14.94
CA TRP C 153 -11.44 -2.42 13.61
C TRP C 153 -11.67 -0.91 13.52
N ASN C 154 -11.30 -0.33 12.39
CA ASN C 154 -11.46 1.10 12.20
C ASN C 154 -11.84 1.40 10.75
N SER C 155 -13.04 1.95 10.56
CA SER C 155 -13.51 2.29 9.23
C SER C 155 -13.07 3.68 8.85
N VAL C 156 -12.28 3.77 7.78
CA VAL C 156 -11.77 5.05 7.30
C VAL C 156 -12.56 5.52 6.07
N SER C 157 -13.21 6.66 6.21
CA SER C 157 -14.02 7.26 5.17
C SER C 157 -13.23 7.48 3.89
N GLY C 158 -13.70 6.89 2.80
CA GLY C 158 -13.04 7.06 1.53
C GLY C 158 -11.90 6.10 1.26
N ALA C 159 -11.63 5.21 2.21
CA ALA C 159 -10.55 4.25 2.08
C ALA C 159 -11.03 2.96 1.40
N VAL C 160 -10.22 2.43 0.49
CA VAL C 160 -10.56 1.19 -0.20
C VAL C 160 -10.02 0.07 0.67
N VAL C 161 -10.89 -0.83 1.12
CA VAL C 161 -10.50 -1.94 1.98
C VAL C 161 -10.52 -3.26 1.21
N LYS C 162 -9.54 -4.12 1.45
CA LYS C 162 -9.45 -5.42 0.78
C LYS C 162 -9.64 -6.54 1.78
N VAL C 163 -10.42 -7.55 1.42
CA VAL C 163 -10.71 -8.66 2.31
C VAL C 163 -10.45 -9.99 1.63
N THR C 164 -9.94 -10.95 2.38
CA THR C 164 -9.69 -12.28 1.85
C THR C 164 -10.27 -13.25 2.88
N VAL C 165 -11.10 -14.16 2.40
CA VAL C 165 -11.75 -15.16 3.24
C VAL C 165 -11.41 -16.57 2.76
N ILE C 166 -11.10 -17.47 3.70
CA ILE C 166 -10.78 -18.87 3.40
C ILE C 166 -11.61 -19.75 4.32
N TYR C 167 -12.30 -20.73 3.74
CA TYR C 167 -13.08 -21.67 4.55
C TYR C 167 -12.52 -23.05 4.24
N ASP C 168 -11.98 -23.70 5.27
CA ASP C 168 -11.40 -25.03 5.10
C ASP C 168 -12.42 -26.06 5.57
N SER C 169 -12.92 -26.86 4.64
CA SER C 169 -13.92 -27.87 4.95
C SER C 169 -13.54 -28.79 6.10
N SER C 170 -12.34 -29.36 6.04
CA SER C 170 -11.84 -30.29 7.06
C SER C 170 -12.01 -29.79 8.48
N THR C 171 -11.44 -28.62 8.76
CA THR C 171 -11.52 -28.04 10.10
C THR C 171 -12.78 -27.21 10.31
N LYS C 172 -13.47 -26.89 9.22
CA LYS C 172 -14.68 -26.07 9.27
C LYS C 172 -14.30 -24.73 9.88
N THR C 173 -13.16 -24.21 9.45
CA THR C 173 -12.68 -22.95 9.96
C THR C 173 -12.84 -21.85 8.93
N LEU C 174 -13.42 -20.73 9.36
CA LEU C 174 -13.61 -19.59 8.49
C LEU C 174 -12.61 -18.54 8.98
N SER C 175 -11.63 -18.18 8.14
CA SER C 175 -10.64 -17.17 8.52
C SER C 175 -10.70 -15.97 7.59
N VAL C 176 -10.63 -14.78 8.19
CA VAL C 176 -10.71 -13.53 7.46
C VAL C 176 -9.48 -12.65 7.67
N ALA C 177 -9.00 -12.05 6.59
CA ALA C 177 -7.85 -11.14 6.65
C ALA C 177 -8.31 -9.84 6.00
N VAL C 178 -8.32 -8.76 6.77
CA VAL C 178 -8.73 -7.45 6.29
C VAL C 178 -7.50 -6.55 6.18
N THR C 179 -7.21 -6.07 4.97
CA THR C 179 -6.07 -5.19 4.74
C THR C 179 -6.55 -3.74 4.72
N ASN C 180 -6.25 -3.00 5.78
CA ASN C 180 -6.65 -1.61 5.87
C ASN C 180 -5.91 -0.72 4.90
N ASP C 181 -6.33 0.54 4.86
CA ASP C 181 -5.73 1.54 3.97
C ASP C 181 -4.26 1.80 4.31
N ASN C 182 -3.96 1.94 5.60
CA ASN C 182 -2.61 2.21 6.06
C ASN C 182 -1.63 1.02 6.01
N GLY C 183 -2.08 -0.13 5.54
CA GLY C 183 -1.22 -1.29 5.44
C GLY C 183 -1.40 -2.37 6.49
N ASP C 184 -1.90 -2.00 7.67
CA ASP C 184 -2.10 -2.96 8.75
C ASP C 184 -3.17 -3.98 8.39
N ILE C 185 -3.01 -5.21 8.88
CA ILE C 185 -4.02 -6.24 8.64
C ILE C 185 -4.73 -6.55 9.93
N THR C 186 -5.98 -7.01 9.80
CA THR C 186 -6.82 -7.38 10.93
C THR C 186 -7.34 -8.77 10.58
N THR C 187 -7.24 -9.72 11.50
CA THR C 187 -7.72 -11.06 11.19
C THR C 187 -8.68 -11.54 12.26
N ILE C 188 -9.57 -12.46 11.87
CA ILE C 188 -10.53 -13.06 12.78
C ILE C 188 -10.85 -14.41 12.17
N ALA C 189 -11.05 -15.42 13.01
CA ALA C 189 -11.34 -16.76 12.53
C ALA C 189 -12.26 -17.42 13.53
N GLN C 190 -13.07 -18.37 13.05
CA GLN C 190 -14.04 -19.07 13.89
C GLN C 190 -14.50 -20.35 13.22
N VAL C 191 -14.73 -21.39 14.02
CA VAL C 191 -15.19 -22.67 13.50
C VAL C 191 -16.71 -22.61 13.33
N VAL C 192 -17.15 -22.82 12.10
CA VAL C 192 -18.58 -22.77 11.77
C VAL C 192 -18.89 -23.96 10.87
N ASP C 193 -19.87 -24.77 11.28
CA ASP C 193 -20.25 -25.93 10.51
C ASP C 193 -21.35 -25.58 9.52
N LEU C 194 -20.96 -25.28 8.28
CA LEU C 194 -21.92 -24.90 7.25
C LEU C 194 -22.99 -25.95 7.02
N LYS C 195 -22.58 -27.21 7.03
CA LYS C 195 -23.48 -28.32 6.80
C LYS C 195 -24.62 -28.39 7.81
N ALA C 196 -24.37 -27.94 9.03
CA ALA C 196 -25.37 -27.98 10.08
C ALA C 196 -26.20 -26.70 10.21
N LYS C 197 -25.71 -25.60 9.64
CA LYS C 197 -26.41 -24.32 9.73
C LYS C 197 -27.12 -23.89 8.45
N LEU C 198 -26.68 -24.41 7.30
CA LEU C 198 -27.27 -24.03 6.02
C LEU C 198 -27.64 -25.24 5.19
N PRO C 199 -28.54 -25.06 4.21
CA PRO C 199 -28.95 -26.18 3.35
C PRO C 199 -27.88 -26.46 2.29
N GLU C 200 -28.08 -27.52 1.51
CA GLU C 200 -27.12 -27.89 0.47
C GLU C 200 -26.85 -26.81 -0.57
N ARG C 201 -27.90 -26.12 -1.02
CA ARG C 201 -27.72 -25.07 -2.00
C ARG C 201 -27.93 -23.73 -1.31
N VAL C 202 -26.98 -22.83 -1.51
CA VAL C 202 -27.02 -21.50 -0.92
C VAL C 202 -26.63 -20.44 -1.95
N LYS C 203 -26.75 -19.18 -1.57
CA LYS C 203 -26.37 -18.05 -2.42
C LYS C 203 -25.48 -17.14 -1.61
N PHE C 204 -24.47 -16.57 -2.27
CA PHE C 204 -23.51 -15.68 -1.62
C PHE C 204 -23.79 -14.26 -2.06
N GLY C 205 -23.49 -13.30 -1.20
CA GLY C 205 -23.73 -11.92 -1.57
C GLY C 205 -23.37 -10.92 -0.50
N PHE C 206 -23.67 -9.66 -0.78
CA PHE C 206 -23.39 -8.57 0.14
C PHE C 206 -24.70 -7.88 0.46
N SER C 207 -24.72 -7.14 1.57
CA SER C 207 -25.90 -6.42 2.03
C SER C 207 -25.45 -5.25 2.89
N ALA C 208 -26.18 -4.14 2.84
CA ALA C 208 -25.85 -2.96 3.62
C ALA C 208 -27.16 -2.25 3.95
N SER C 209 -27.15 -1.44 5.00
CA SER C 209 -28.35 -0.73 5.40
C SER C 209 -28.10 0.57 6.14
N GLY C 210 -29.18 1.36 6.29
CA GLY C 210 -29.10 2.63 6.99
C GLY C 210 -30.38 2.82 7.78
N SER C 211 -30.50 3.94 8.47
CA SER C 211 -31.68 4.22 9.28
C SER C 211 -32.23 5.59 8.87
N LEU C 212 -32.82 6.32 9.81
CA LEU C 212 -33.34 7.64 9.50
C LEU C 212 -32.18 8.63 9.58
N GLY C 213 -31.50 8.63 10.72
CA GLY C 213 -30.38 9.53 10.94
C GLY C 213 -29.02 8.95 10.57
N GLY C 214 -28.94 7.63 10.37
CA GLY C 214 -27.67 7.03 10.01
C GLY C 214 -27.64 6.57 8.57
N ARG C 215 -26.76 7.18 7.79
CA ARG C 215 -26.61 6.87 6.37
C ARG C 215 -25.18 7.21 5.95
N GLN C 216 -24.68 6.48 4.96
CA GLN C 216 -23.34 6.69 4.41
C GLN C 216 -23.27 5.89 3.12
N ILE C 217 -22.22 6.13 2.34
CA ILE C 217 -22.03 5.45 1.05
C ILE C 217 -21.40 4.08 1.27
N HIS C 218 -22.05 3.04 0.76
CA HIS C 218 -21.57 1.66 0.85
C HIS C 218 -21.30 1.20 -0.57
N LEU C 219 -20.04 0.99 -0.91
CA LEU C 219 -19.66 0.56 -2.25
C LEU C 219 -18.96 -0.79 -2.30
N ILE C 220 -19.26 -1.58 -3.33
CA ILE C 220 -18.62 -2.86 -3.56
C ILE C 220 -17.90 -2.61 -4.88
N ARG C 221 -16.59 -2.80 -4.90
CA ARG C 221 -15.80 -2.53 -6.11
C ARG C 221 -15.42 -3.73 -6.95
N SER C 222 -15.14 -4.85 -6.30
CA SER C 222 -14.76 -6.07 -7.03
C SER C 222 -15.02 -7.31 -6.19
N TRP C 223 -15.04 -8.47 -6.83
CA TRP C 223 -15.32 -9.71 -6.12
C TRP C 223 -14.93 -10.93 -6.95
N SER C 224 -14.10 -11.80 -6.39
CA SER C 224 -13.70 -13.03 -7.06
C SER C 224 -14.03 -14.14 -6.09
N PHE C 225 -14.35 -15.31 -6.62
CA PHE C 225 -14.76 -16.43 -5.78
C PHE C 225 -14.46 -17.76 -6.43
N THR C 226 -14.05 -18.74 -5.63
CA THR C 226 -13.78 -20.10 -6.09
C THR C 226 -14.13 -21.06 -4.96
N SER C 227 -14.93 -22.08 -5.26
CA SER C 227 -15.31 -23.10 -4.28
C SER C 227 -15.08 -24.44 -4.95
N THR C 228 -14.67 -25.43 -4.17
CA THR C 228 -14.43 -26.76 -4.72
C THR C 228 -14.97 -27.81 -3.77
N LEU C 229 -15.86 -28.66 -4.29
CA LEU C 229 -16.47 -29.72 -3.52
C LEU C 229 -15.96 -31.06 -4.05
N ILE C 230 -15.50 -31.92 -3.15
CA ILE C 230 -15.01 -33.23 -3.54
C ILE C 230 -16.20 -34.11 -3.79
N THR C 231 -16.34 -34.51 -5.04
CA THR C 231 -17.43 -35.37 -5.45
C THR C 231 -16.92 -36.81 -5.57
N THR C 232 -16.65 -37.43 -4.43
CA THR C 232 -16.14 -38.81 -4.36
C THR C 232 -15.92 -39.23 -2.89
N ALA D 1 2.94 36.91 3.77
CA ALA D 1 2.82 35.88 2.70
C ALA D 1 1.36 35.76 2.29
N GLU D 2 1.14 35.43 1.03
CA GLU D 2 -0.20 35.28 0.46
C GLU D 2 -0.41 33.79 0.20
N THR D 3 -1.29 33.16 0.98
CA THR D 3 -1.53 31.74 0.86
C THR D 3 -2.97 31.33 0.50
N VAL D 4 -3.07 30.35 -0.39
CA VAL D 4 -4.35 29.82 -0.85
C VAL D 4 -4.28 28.33 -0.58
N SER D 5 -5.24 27.78 0.17
CA SER D 5 -5.25 26.35 0.42
C SER D 5 -6.67 25.78 0.52
N PHE D 6 -6.86 24.59 -0.03
CA PHE D 6 -8.16 23.94 0.00
C PHE D 6 -7.96 22.43 0.03
N ASN D 7 -8.99 21.72 0.47
CA ASN D 7 -8.92 20.27 0.56
C ASN D 7 -10.29 19.66 0.24
N PHE D 8 -10.34 18.80 -0.77
CA PHE D 8 -11.56 18.14 -1.18
C PHE D 8 -11.42 16.63 -1.01
N ASN D 9 -12.24 16.05 -0.15
CA ASN D 9 -12.22 14.61 0.08
C ASN D 9 -13.31 13.98 -0.78
N SER D 10 -14.25 14.82 -1.19
CA SER D 10 -15.36 14.40 -2.04
C SER D 10 -15.91 15.69 -2.64
N PHE D 11 -16.43 15.61 -3.85
CA PHE D 11 -16.99 16.77 -4.53
C PHE D 11 -18.50 16.68 -4.55
N SER D 12 -19.15 17.82 -4.76
CA SER D 12 -20.60 17.87 -4.82
C SER D 12 -21.00 18.92 -5.84
N GLU D 13 -22.06 18.65 -6.59
CA GLU D 13 -22.54 19.62 -7.56
C GLU D 13 -23.26 20.72 -6.78
N GLY D 14 -23.01 21.96 -7.19
CA GLY D 14 -23.63 23.08 -6.51
C GLY D 14 -22.65 23.80 -5.60
N ASN D 15 -21.43 23.28 -5.49
CA ASN D 15 -20.41 23.91 -4.66
C ASN D 15 -19.76 25.03 -5.47
N PRO D 16 -20.00 26.30 -5.09
CA PRO D 16 -19.43 27.47 -5.78
C PRO D 16 -17.91 27.52 -5.89
N ALA D 17 -17.21 26.69 -5.12
CA ALA D 17 -15.75 26.66 -5.16
C ALA D 17 -15.23 25.93 -6.40
N ILE D 18 -16.11 25.23 -7.09
CA ILE D 18 -15.71 24.47 -8.27
C ILE D 18 -16.44 24.83 -9.57
N ASN D 19 -15.69 24.83 -10.67
CA ASN D 19 -16.23 25.13 -12.00
C ASN D 19 -16.25 23.89 -12.85
N PHE D 20 -17.40 23.61 -13.45
CA PHE D 20 -17.54 22.44 -14.30
C PHE D 20 -17.65 22.88 -15.74
N GLN D 21 -16.86 22.27 -16.62
CA GLN D 21 -16.88 22.62 -18.03
C GLN D 21 -17.01 21.31 -18.80
N GLY D 22 -17.86 21.30 -19.81
CA GLY D 22 -18.02 20.09 -20.60
C GLY D 22 -18.85 19.00 -19.97
N ASP D 23 -18.56 17.76 -20.35
CA ASP D 23 -19.28 16.57 -19.89
C ASP D 23 -19.07 16.07 -18.46
N VAL D 24 -18.53 16.92 -17.59
CA VAL D 24 -18.28 16.54 -16.21
C VAL D 24 -19.57 16.20 -15.50
N THR D 25 -19.50 15.27 -14.55
CA THR D 25 -20.64 14.86 -13.76
C THR D 25 -20.16 14.41 -12.39
N VAL D 26 -20.92 14.71 -11.36
CA VAL D 26 -20.55 14.31 -10.00
C VAL D 26 -21.36 13.08 -9.58
N LEU D 27 -20.67 11.95 -9.41
CA LEU D 27 -21.31 10.71 -9.00
C LEU D 27 -21.82 10.80 -7.57
N SER D 28 -22.71 9.88 -7.22
CA SER D 28 -23.31 9.83 -5.89
C SER D 28 -22.32 9.52 -4.77
N ASN D 29 -21.18 8.94 -5.13
CA ASN D 29 -20.16 8.60 -4.14
C ASN D 29 -19.19 9.75 -3.92
N GLY D 30 -19.48 10.91 -4.51
CA GLY D 30 -18.63 12.07 -4.34
C GLY D 30 -17.51 12.22 -5.33
N ASN D 31 -17.39 11.28 -6.25
CA ASN D 31 -16.32 11.34 -7.26
C ASN D 31 -16.76 12.16 -8.45
N ILE D 32 -15.79 12.67 -9.19
CA ILE D 32 -16.09 13.44 -10.38
C ILE D 32 -15.75 12.59 -11.58
N GLN D 33 -16.69 12.38 -12.49
CA GLN D 33 -16.44 11.61 -13.70
C GLN D 33 -16.24 12.64 -14.79
N LEU D 34 -15.03 12.72 -15.34
CA LEU D 34 -14.72 13.74 -16.35
C LEU D 34 -15.33 13.61 -17.74
N THR D 35 -15.54 12.40 -18.23
CA THR D 35 -16.10 12.26 -19.56
C THR D 35 -17.39 11.45 -19.59
N ASN D 36 -18.14 11.64 -20.67
CA ASN D 36 -19.41 10.94 -20.86
C ASN D 36 -19.13 9.74 -21.76
N LEU D 37 -19.36 8.55 -21.24
CA LEU D 37 -19.12 7.32 -22.00
C LEU D 37 -19.95 7.12 -23.28
N ASN D 38 -21.03 7.90 -23.40
CA ASN D 38 -21.91 7.79 -24.56
C ASN D 38 -21.76 8.90 -25.60
N LYS D 39 -20.80 9.78 -25.41
CA LYS D 39 -20.60 10.87 -26.36
C LYS D 39 -19.33 10.72 -27.18
N VAL D 40 -19.43 11.07 -28.45
CA VAL D 40 -18.29 11.03 -29.34
C VAL D 40 -17.44 12.25 -29.00
N ASN D 41 -16.12 12.08 -28.97
CA ASN D 41 -15.20 13.17 -28.67
C ASN D 41 -15.55 13.93 -27.40
N SER D 42 -15.95 13.19 -26.37
CA SER D 42 -16.31 13.77 -25.09
C SER D 42 -15.14 14.53 -24.45
N VAL D 43 -15.45 15.61 -23.73
CA VAL D 43 -14.45 16.42 -23.03
C VAL D 43 -15.06 16.98 -21.76
N GLY D 44 -14.37 16.83 -20.65
CA GLY D 44 -14.84 17.33 -19.37
C GLY D 44 -13.69 17.92 -18.61
N ARG D 45 -13.92 19.03 -17.91
CA ARG D 45 -12.90 19.70 -17.14
C ARG D 45 -13.47 20.26 -15.85
N VAL D 46 -12.66 20.30 -14.82
CA VAL D 46 -13.09 20.82 -13.53
C VAL D 46 -11.97 21.80 -13.14
N LEU D 47 -12.36 22.98 -12.67
CA LEU D 47 -11.39 23.99 -12.28
C LEU D 47 -11.73 24.53 -10.90
N TYR D 48 -10.72 25.00 -10.18
CA TYR D 48 -10.97 25.57 -8.87
C TYR D 48 -11.48 26.96 -9.27
N ALA D 49 -12.66 27.31 -8.76
CA ALA D 49 -13.32 28.58 -9.09
C ALA D 49 -12.53 29.87 -8.87
N MET D 50 -11.82 29.95 -7.76
CA MET D 50 -11.05 31.15 -7.45
C MET D 50 -9.72 31.20 -8.16
N PRO D 51 -9.43 32.31 -8.86
CA PRO D 51 -8.14 32.40 -9.55
C PRO D 51 -7.03 32.61 -8.52
N VAL D 52 -5.91 31.93 -8.74
CA VAL D 52 -4.77 32.03 -7.85
C VAL D 52 -3.71 32.89 -8.51
N ARG D 53 -3.17 33.81 -7.72
CA ARG D 53 -2.14 34.73 -8.18
C ARG D 53 -0.77 34.04 -7.99
N ILE D 54 -0.20 33.52 -9.08
CA ILE D 54 1.07 32.83 -8.99
C ILE D 54 2.33 33.67 -9.07
N TRP D 55 2.20 34.93 -9.50
CA TRP D 55 3.36 35.81 -9.54
C TRP D 55 2.96 37.27 -9.52
N SER D 56 3.83 38.11 -8.98
CA SER D 56 3.54 39.53 -8.88
C SER D 56 4.42 40.33 -9.78
N SER D 57 3.80 41.23 -10.55
CA SER D 57 4.53 42.10 -11.46
C SER D 57 5.25 43.17 -10.63
N ALA D 58 4.66 43.48 -9.47
CA ALA D 58 5.20 44.47 -8.56
C ALA D 58 6.56 44.06 -7.99
N THR D 59 6.59 42.90 -7.34
CA THR D 59 7.79 42.38 -6.72
C THR D 59 8.66 41.54 -7.63
N GLY D 60 8.02 40.74 -8.48
CA GLY D 60 8.76 39.88 -9.37
C GLY D 60 8.80 38.47 -8.81
N ASN D 61 8.19 38.28 -7.65
CA ASN D 61 8.16 36.96 -7.01
C ASN D 61 7.20 35.99 -7.67
N VAL D 62 7.54 34.71 -7.62
CA VAL D 62 6.71 33.65 -8.15
C VAL D 62 6.36 32.81 -6.92
N ALA D 63 5.21 32.16 -6.93
CA ALA D 63 4.76 31.36 -5.80
C ALA D 63 5.27 29.93 -5.86
N SER D 64 5.20 29.26 -4.72
CA SER D 64 5.60 27.88 -4.61
C SER D 64 4.31 27.19 -4.27
N PHE D 65 4.16 25.94 -4.69
CA PHE D 65 2.95 25.21 -4.35
C PHE D 65 3.17 23.72 -4.13
N LEU D 66 2.31 23.14 -3.30
CA LEU D 66 2.33 21.73 -2.98
C LEU D 66 0.90 21.27 -3.15
N THR D 67 0.70 20.29 -4.03
CA THR D 67 -0.64 19.77 -4.30
C THR D 67 -0.57 18.26 -4.50
N SER D 68 -1.59 17.55 -4.00
CA SER D 68 -1.67 16.11 -4.16
C SER D 68 -3.11 15.73 -4.45
N PHE D 69 -3.29 14.74 -5.32
CA PHE D 69 -4.61 14.27 -5.71
C PHE D 69 -4.56 12.80 -6.08
N SER D 70 -5.72 12.17 -6.16
CA SER D 70 -5.79 10.77 -6.53
C SER D 70 -6.88 10.57 -7.57
N PHE D 71 -6.61 9.72 -8.54
CA PHE D 71 -7.58 9.47 -9.60
C PHE D 71 -7.70 7.99 -9.86
N GLU D 72 -8.65 7.63 -10.72
CA GLU D 72 -8.86 6.25 -11.09
C GLU D 72 -9.35 6.19 -12.52
N MET D 73 -8.80 5.26 -13.28
CA MET D 73 -9.18 5.08 -14.67
C MET D 73 -9.57 3.62 -14.82
N LYS D 74 -10.74 3.37 -15.40
CA LYS D 74 -11.18 2.00 -15.60
C LYS D 74 -11.69 1.76 -17.01
N ASP D 75 -11.43 0.57 -17.53
CA ASP D 75 -11.83 0.18 -18.87
C ASP D 75 -13.31 -0.13 -18.98
N ILE D 76 -13.88 0.18 -20.14
CA ILE D 76 -15.27 -0.13 -20.42
C ILE D 76 -15.21 -1.08 -21.61
N LYS D 77 -16.25 -1.90 -21.74
CA LYS D 77 -16.35 -2.89 -22.81
C LYS D 77 -16.35 -2.31 -24.23
N ASP D 78 -15.71 -3.02 -25.14
CA ASP D 78 -15.64 -2.64 -26.56
C ASP D 78 -14.86 -1.40 -26.95
N TYR D 79 -14.58 -0.51 -26.01
CA TYR D 79 -13.84 0.71 -26.34
C TYR D 79 -12.40 0.67 -25.89
N ASP D 80 -11.53 1.29 -26.68
CA ASP D 80 -10.11 1.39 -26.35
C ASP D 80 -9.99 2.35 -25.18
N PRO D 81 -9.24 1.96 -24.15
CA PRO D 81 -9.05 2.80 -22.96
C PRO D 81 -8.20 4.02 -23.36
N ALA D 82 -8.85 5.15 -23.56
CA ALA D 82 -8.20 6.38 -23.97
C ALA D 82 -9.08 7.53 -23.49
N ASP D 83 -8.57 8.75 -23.41
CA ASP D 83 -7.18 9.08 -23.76
C ASP D 83 -6.30 9.44 -22.58
N GLY D 84 -6.91 9.78 -21.45
CA GLY D 84 -6.12 10.12 -20.29
C GLY D 84 -6.62 11.32 -19.52
N ILE D 85 -5.85 11.72 -18.50
CA ILE D 85 -6.16 12.84 -17.61
C ILE D 85 -4.99 13.82 -17.61
N ILE D 86 -5.27 15.10 -17.40
CA ILE D 86 -4.22 16.11 -17.34
C ILE D 86 -4.52 17.16 -16.28
N PHE D 87 -3.55 17.38 -15.39
CA PHE D 87 -3.67 18.36 -14.32
C PHE D 87 -3.03 19.59 -14.95
N PHE D 88 -3.80 20.67 -15.11
CA PHE D 88 -3.27 21.86 -15.77
C PHE D 88 -3.42 23.17 -15.03
N ILE D 89 -2.67 24.15 -15.51
CA ILE D 89 -2.65 25.51 -15.00
C ILE D 89 -2.84 26.36 -16.25
N ALA D 90 -3.83 27.24 -16.23
CA ALA D 90 -4.10 28.07 -17.40
C ALA D 90 -4.64 29.44 -17.00
N PRO D 91 -4.76 30.37 -17.97
CA PRO D 91 -5.27 31.72 -17.69
C PRO D 91 -6.67 31.66 -17.07
N GLU D 92 -7.05 32.68 -16.31
CA GLU D 92 -8.37 32.66 -15.66
C GLU D 92 -9.57 32.59 -16.60
N ASP D 93 -9.39 32.98 -17.85
CA ASP D 93 -10.48 32.92 -18.85
C ASP D 93 -10.53 31.60 -19.62
N THR D 94 -9.77 30.61 -19.18
CA THR D 94 -9.70 29.33 -19.88
C THR D 94 -11.04 28.61 -20.08
N GLN D 95 -11.22 28.13 -21.32
CA GLN D 95 -12.42 27.39 -21.73
C GLN D 95 -11.98 26.26 -22.65
N ILE D 96 -12.83 25.24 -22.80
CA ILE D 96 -12.52 24.10 -23.66
C ILE D 96 -12.34 24.66 -25.06
N PRO D 97 -11.27 24.29 -25.76
CA PRO D 97 -11.00 24.77 -27.12
C PRO D 97 -12.22 24.63 -28.02
N ALA D 98 -12.47 25.67 -28.82
CA ALA D 98 -13.60 25.68 -29.75
C ALA D 98 -13.44 24.60 -30.80
N GLY D 99 -14.45 23.75 -30.93
CA GLY D 99 -14.40 22.67 -31.89
C GLY D 99 -13.39 21.60 -31.52
N SER D 100 -13.28 21.34 -30.21
CA SER D 100 -12.34 20.35 -29.71
C SER D 100 -12.68 18.96 -30.20
N ILE D 101 -11.68 18.25 -30.73
CA ILE D 101 -11.86 16.90 -31.21
C ILE D 101 -11.67 15.86 -30.11
N GLY D 102 -11.52 16.34 -28.87
CA GLY D 102 -11.31 15.44 -27.75
C GLY D 102 -10.05 14.65 -28.05
N GLY D 103 -10.15 13.33 -27.97
CA GLY D 103 -9.01 12.47 -28.26
C GLY D 103 -7.70 12.86 -27.61
N GLY D 104 -6.62 12.78 -28.39
CA GLY D 104 -5.30 13.12 -27.90
C GLY D 104 -5.01 14.56 -27.53
N THR D 105 -6.01 15.44 -27.55
CA THR D 105 -5.78 16.84 -27.18
C THR D 105 -6.02 17.02 -25.69
N LEU D 106 -6.55 15.97 -25.06
CA LEU D 106 -6.84 15.96 -23.62
C LEU D 106 -7.73 17.11 -23.15
N GLY D 107 -8.45 17.72 -24.10
CA GLY D 107 -9.34 18.83 -23.79
C GLY D 107 -8.68 20.15 -23.48
N VAL D 108 -7.39 20.28 -23.78
CA VAL D 108 -6.67 21.52 -23.48
C VAL D 108 -6.01 22.16 -24.69
N SER D 109 -5.92 21.44 -25.80
CA SER D 109 -5.29 21.97 -26.99
C SER D 109 -6.15 21.88 -28.26
N ASP D 110 -5.67 22.52 -29.33
CA ASP D 110 -6.35 22.48 -30.60
C ASP D 110 -5.90 21.23 -31.35
N THR D 111 -6.25 21.14 -32.62
CA THR D 111 -5.91 19.99 -33.45
C THR D 111 -4.41 19.76 -33.62
N LYS D 112 -3.63 20.83 -33.63
CA LYS D 112 -2.18 20.74 -33.78
C LYS D 112 -1.54 20.32 -32.46
N GLY D 113 -2.30 20.39 -31.37
CA GLY D 113 -1.79 20.05 -30.06
C GLY D 113 -1.24 21.25 -29.33
N ALA D 114 -1.56 22.43 -29.82
CA ALA D 114 -1.11 23.69 -29.22
C ALA D 114 -2.19 24.30 -28.33
N GLY D 115 -1.78 25.03 -27.32
CA GLY D 115 -2.71 25.66 -26.40
C GLY D 115 -1.95 26.55 -25.43
N HIS D 116 -2.66 27.21 -24.52
CA HIS D 116 -1.98 28.05 -23.54
C HIS D 116 -2.23 27.45 -22.17
N PHE D 117 -1.22 26.73 -21.67
CA PHE D 117 -1.34 26.05 -20.38
C PHE D 117 -0.02 25.36 -20.05
N VAL D 118 0.06 24.88 -18.82
CA VAL D 118 1.20 24.12 -18.33
C VAL D 118 0.51 23.01 -17.55
N GLY D 119 0.96 21.78 -17.72
CA GLY D 119 0.35 20.68 -16.99
C GLY D 119 1.14 19.39 -17.00
N VAL D 120 0.63 18.40 -16.25
CA VAL D 120 1.24 17.08 -16.11
C VAL D 120 0.18 16.12 -16.63
N GLU D 121 0.51 15.37 -17.69
CA GLU D 121 -0.43 14.44 -18.28
C GLU D 121 -0.17 12.95 -17.96
N PHE D 122 -1.27 12.21 -17.82
CA PHE D 122 -1.25 10.77 -17.57
C PHE D 122 -1.92 10.18 -18.82
N ASP D 123 -1.14 10.12 -19.89
CA ASP D 123 -1.55 9.68 -21.22
C ASP D 123 -1.60 8.17 -21.39
N THR D 124 -2.78 7.66 -21.75
CA THR D 124 -2.97 6.23 -21.95
C THR D 124 -3.13 5.79 -23.41
N TYR D 125 -2.74 6.66 -24.35
CA TYR D 125 -2.83 6.31 -25.76
C TYR D 125 -1.77 7.06 -26.56
N SER D 126 -1.06 6.33 -27.40
CA SER D 126 0.02 6.89 -28.21
C SER D 126 -0.41 7.60 -29.51
N ASN D 127 -0.47 8.92 -29.47
CA ASN D 127 -0.84 9.70 -30.63
C ASN D 127 0.44 10.12 -31.33
N SER D 128 0.75 9.46 -32.43
CA SER D 128 1.96 9.76 -33.19
C SER D 128 1.99 11.19 -33.70
N GLU D 129 0.81 11.74 -33.97
CA GLU D 129 0.70 13.12 -34.46
C GLU D 129 1.21 14.13 -33.44
N TYR D 130 1.27 13.72 -32.18
CA TYR D 130 1.77 14.58 -31.11
C TYR D 130 3.08 14.05 -30.57
N ASN D 131 3.67 13.09 -31.29
CA ASN D 131 4.94 12.47 -30.93
C ASN D 131 4.90 11.75 -29.59
N ASP D 132 3.80 11.08 -29.32
CA ASP D 132 3.64 10.32 -28.10
C ASP D 132 4.58 9.11 -28.07
N PRO D 133 5.11 8.76 -26.88
CA PRO D 133 5.99 7.60 -26.74
C PRO D 133 5.11 6.39 -27.00
N PRO D 134 5.72 5.25 -27.32
CA PRO D 134 4.97 4.02 -27.60
C PRO D 134 4.24 3.35 -26.44
N THR D 135 4.40 3.87 -25.23
CA THR D 135 3.75 3.29 -24.05
C THR D 135 3.00 4.32 -23.23
N ASP D 136 2.28 3.86 -22.21
CA ASP D 136 1.56 4.76 -21.33
C ASP D 136 2.66 5.62 -20.74
N HIS D 137 2.36 6.85 -20.36
CA HIS D 137 3.39 7.71 -19.83
C HIS D 137 2.87 8.92 -19.09
N VAL D 138 3.77 9.54 -18.34
CA VAL D 138 3.48 10.76 -17.61
C VAL D 138 4.38 11.75 -18.32
N GLY D 139 3.92 12.98 -18.52
CA GLY D 139 4.74 13.96 -19.20
C GLY D 139 4.48 15.40 -18.77
N ILE D 140 5.47 16.26 -18.92
CA ILE D 140 5.33 17.67 -18.57
C ILE D 140 5.01 18.40 -19.86
N ASP D 141 3.88 19.09 -19.89
CA ASP D 141 3.43 19.81 -21.07
C ASP D 141 3.49 21.32 -20.89
N VAL D 142 4.14 22.01 -21.82
CA VAL D 142 4.23 23.46 -21.77
C VAL D 142 3.64 24.00 -23.08
N ASN D 143 2.42 24.52 -23.00
CA ASN D 143 1.71 25.06 -24.15
C ASN D 143 1.56 24.09 -25.32
N SER D 144 1.52 22.80 -25.05
CA SER D 144 1.38 21.79 -26.09
C SER D 144 1.33 20.38 -25.51
N VAL D 145 0.59 19.49 -26.17
CA VAL D 145 0.49 18.12 -25.71
C VAL D 145 1.64 17.30 -26.27
N ASP D 146 2.57 17.98 -26.92
CA ASP D 146 3.77 17.34 -27.44
C ASP D 146 4.69 17.63 -26.26
N SER D 147 4.66 16.71 -25.30
CA SER D 147 5.42 16.83 -24.06
C SER D 147 6.89 17.25 -24.20
N VAL D 148 7.28 18.14 -23.29
CA VAL D 148 8.65 18.65 -23.21
C VAL D 148 9.53 17.49 -22.74
N LYS D 149 8.96 16.64 -21.88
CA LYS D 149 9.66 15.51 -21.32
C LYS D 149 8.64 14.49 -20.86
N THR D 150 8.94 13.20 -21.05
CA THR D 150 8.05 12.11 -20.63
C THR D 150 8.83 11.00 -19.92
N VAL D 151 8.10 10.15 -19.21
CA VAL D 151 8.67 9.03 -18.49
C VAL D 151 7.65 7.88 -18.64
N PRO D 152 8.14 6.64 -18.90
CA PRO D 152 7.24 5.48 -19.06
C PRO D 152 6.43 5.26 -17.80
N TRP D 153 5.21 4.77 -17.97
CA TRP D 153 4.31 4.52 -16.85
C TRP D 153 3.38 3.39 -17.26
N ASN D 154 2.50 2.98 -16.36
CA ASN D 154 1.57 1.90 -16.64
C ASN D 154 0.24 2.15 -15.95
N SER D 155 -0.81 2.32 -16.77
CA SER D 155 -2.14 2.59 -16.25
C SER D 155 -2.85 1.28 -15.97
N VAL D 156 -3.21 1.07 -14.71
CA VAL D 156 -3.89 -0.15 -14.32
C VAL D 156 -5.38 0.12 -14.09
N SER D 157 -6.20 -0.56 -14.87
CA SER D 157 -7.63 -0.41 -14.82
C SER D 157 -8.20 -0.69 -13.44
N GLY D 158 -8.91 0.28 -12.88
CA GLY D 158 -9.50 0.11 -11.57
C GLY D 158 -8.59 0.41 -10.41
N ALA D 159 -7.35 0.81 -10.69
CA ALA D 159 -6.38 1.11 -9.65
C ALA D 159 -6.46 2.58 -9.23
N VAL D 160 -6.37 2.84 -7.93
CA VAL D 160 -6.40 4.19 -7.41
C VAL D 160 -4.95 4.66 -7.41
N VAL D 161 -4.67 5.76 -8.10
CA VAL D 161 -3.32 6.30 -8.19
C VAL D 161 -3.21 7.58 -7.39
N LYS D 162 -2.09 7.79 -6.71
CA LYS D 162 -1.87 8.99 -5.91
C LYS D 162 -0.72 9.77 -6.51
N VAL D 163 -0.87 11.09 -6.58
CA VAL D 163 0.15 11.94 -7.16
C VAL D 163 0.48 13.09 -6.22
N THR D 164 1.76 13.47 -6.17
CA THR D 164 2.19 14.58 -5.35
C THR D 164 3.07 15.46 -6.23
N VAL D 165 2.77 16.75 -6.28
CA VAL D 165 3.48 17.72 -7.11
C VAL D 165 4.04 18.85 -6.24
N ILE D 166 5.29 19.22 -6.50
CA ILE D 166 5.94 20.30 -5.76
C ILE D 166 6.56 21.27 -6.77
N TYR D 167 6.28 22.56 -6.64
CA TYR D 167 6.88 23.54 -7.53
C TYR D 167 7.66 24.50 -6.65
N ASP D 168 8.99 24.53 -6.81
CA ASP D 168 9.85 25.40 -6.03
C ASP D 168 10.15 26.66 -6.82
N SER D 169 9.65 27.79 -6.35
CA SER D 169 9.83 29.05 -7.03
C SER D 169 11.27 29.40 -7.38
N SER D 170 12.16 29.28 -6.41
CA SER D 170 13.59 29.60 -6.58
C SER D 170 14.22 28.94 -7.80
N THR D 171 14.11 27.61 -7.87
CA THR D 171 14.69 26.86 -8.96
C THR D 171 13.74 26.74 -10.15
N LYS D 172 12.46 27.05 -9.93
CA LYS D 172 11.46 26.96 -10.97
C LYS D 172 11.41 25.51 -11.42
N THR D 173 11.43 24.61 -10.45
CA THR D 173 11.43 23.18 -10.76
C THR D 173 10.09 22.60 -10.39
N LEU D 174 9.52 21.83 -11.32
CA LEU D 174 8.25 21.16 -11.10
C LEU D 174 8.59 19.68 -10.99
N SER D 175 8.34 19.07 -9.83
CA SER D 175 8.63 17.66 -9.61
C SER D 175 7.37 16.91 -9.26
N VAL D 176 7.22 15.74 -9.85
CA VAL D 176 6.05 14.89 -9.67
C VAL D 176 6.43 13.50 -9.17
N ALA D 177 5.66 12.97 -8.22
CA ALA D 177 5.87 11.64 -7.68
C ALA D 177 4.54 10.92 -7.80
N VAL D 178 4.52 9.85 -8.59
CA VAL D 178 3.31 9.07 -8.81
C VAL D 178 3.44 7.72 -8.10
N THR D 179 2.54 7.45 -7.16
CA THR D 179 2.54 6.21 -6.41
C THR D 179 1.55 5.25 -7.01
N ASN D 180 2.05 4.25 -7.73
CA ASN D 180 1.21 3.24 -8.37
C ASN D 180 0.50 2.34 -7.36
N ASP D 181 -0.37 1.50 -7.88
CA ASP D 181 -1.15 0.57 -7.07
C ASP D 181 -0.27 -0.46 -6.35
N ASN D 182 0.69 -1.02 -7.09
CA ASN D 182 1.59 -2.03 -6.53
C ASN D 182 2.67 -1.51 -5.57
N GLY D 183 2.68 -0.21 -5.30
CA GLY D 183 3.66 0.37 -4.40
C GLY D 183 4.81 1.13 -5.02
N ASP D 184 5.18 0.80 -6.26
CA ASP D 184 6.28 1.46 -6.95
C ASP D 184 5.99 2.93 -7.21
N ILE D 185 7.01 3.78 -7.20
CA ILE D 185 6.82 5.20 -7.49
C ILE D 185 7.49 5.54 -8.81
N THR D 186 6.94 6.54 -9.48
CA THR D 186 7.44 7.02 -10.76
C THR D 186 7.62 8.52 -10.57
N THR D 187 8.77 9.06 -10.94
CA THR D 187 8.98 10.48 -10.77
C THR D 187 9.45 11.11 -12.08
N ILE D 188 9.16 12.40 -12.23
CA ILE D 188 9.57 13.19 -13.38
C ILE D 188 9.66 14.61 -12.88
N ALA D 189 10.62 15.37 -13.37
CA ALA D 189 10.82 16.75 -12.94
C ALA D 189 11.34 17.55 -14.13
N GLN D 190 11.06 18.83 -14.14
CA GLN D 190 11.45 19.71 -15.25
C GLN D 190 11.38 21.17 -14.82
N VAL D 191 12.33 21.97 -15.28
CA VAL D 191 12.36 23.39 -14.98
C VAL D 191 11.40 24.12 -15.92
N VAL D 192 10.42 24.80 -15.34
CA VAL D 192 9.41 25.53 -16.10
C VAL D 192 9.24 26.89 -15.42
N ASP D 193 9.42 27.95 -16.19
CA ASP D 193 9.27 29.30 -15.67
C ASP D 193 7.82 29.78 -15.80
N LEU D 194 7.03 29.60 -14.74
CA LEU D 194 5.63 30.00 -14.77
C LEU D 194 5.41 31.47 -15.11
N LYS D 195 6.27 32.33 -14.57
CA LYS D 195 6.17 33.76 -14.81
C LYS D 195 6.31 34.15 -16.26
N ALA D 196 7.03 33.35 -17.03
CA ALA D 196 7.24 33.64 -18.45
C ALA D 196 6.24 32.96 -19.38
N LYS D 197 5.55 31.94 -18.88
CA LYS D 197 4.60 31.18 -19.69
C LYS D 197 3.13 31.45 -19.39
N LEU D 198 2.84 31.93 -18.17
CA LEU D 198 1.47 32.19 -17.77
C LEU D 198 1.31 33.58 -17.18
N PRO D 199 0.07 34.10 -17.16
CA PRO D 199 -0.18 35.43 -16.60
C PRO D 199 -0.19 35.39 -15.08
N GLU D 200 -0.31 36.55 -14.44
CA GLU D 200 -0.31 36.64 -12.99
C GLU D 200 -1.41 35.83 -12.31
N ARG D 201 -2.60 35.86 -12.86
CA ARG D 201 -3.71 35.13 -12.27
C ARG D 201 -4.02 33.95 -13.18
N VAL D 202 -4.09 32.76 -12.58
CA VAL D 202 -4.38 31.54 -13.32
C VAL D 202 -5.40 30.71 -12.55
N LYS D 203 -5.84 29.61 -13.16
CA LYS D 203 -6.78 28.68 -12.56
C LYS D 203 -6.21 27.26 -12.71
N PHE D 204 -6.39 26.44 -11.68
CA PHE D 204 -5.90 25.08 -11.65
C PHE D 204 -7.07 24.12 -11.84
N GLY D 205 -6.79 22.96 -12.43
CA GLY D 205 -7.85 21.99 -12.61
C GLY D 205 -7.43 20.74 -13.34
N PHE D 206 -8.40 19.89 -13.62
CA PHE D 206 -8.17 18.64 -14.32
C PHE D 206 -8.99 18.64 -15.60
N SER D 207 -8.62 17.77 -16.53
CA SER D 207 -9.31 17.63 -17.82
C SER D 207 -9.07 16.23 -18.34
N ALA D 208 -10.04 15.70 -19.08
CA ALA D 208 -9.93 14.36 -19.64
C ALA D 208 -10.77 14.34 -20.91
N SER D 209 -10.46 13.41 -21.81
CA SER D 209 -11.19 13.32 -23.07
C SER D 209 -11.21 11.93 -23.70
N GLY D 210 -12.05 11.79 -24.70
CA GLY D 210 -12.18 10.53 -25.41
C GLY D 210 -12.41 10.81 -26.89
N SER D 211 -12.57 9.78 -27.70
CA SER D 211 -12.80 9.94 -29.12
C SER D 211 -14.06 9.15 -29.50
N LEU D 212 -14.10 8.61 -30.70
CA LEU D 212 -15.25 7.83 -31.13
C LEU D 212 -15.08 6.42 -30.61
N GLY D 213 -13.94 5.82 -30.93
CA GLY D 213 -13.63 4.46 -30.50
C GLY D 213 -12.87 4.35 -29.19
N GLY D 214 -12.30 5.45 -28.72
CA GLY D 214 -11.56 5.43 -27.48
C GLY D 214 -12.30 6.12 -26.36
N ARG D 215 -12.67 5.35 -25.34
CA ARG D 215 -13.38 5.88 -24.18
C ARG D 215 -13.08 4.97 -22.98
N GLN D 216 -13.11 5.57 -21.79
CA GLN D 216 -12.87 4.84 -20.54
C GLN D 216 -13.33 5.77 -19.42
N ILE D 217 -13.42 5.23 -18.20
CA ILE D 217 -13.83 5.99 -17.03
C ILE D 217 -12.66 6.79 -16.47
N HIS D 218 -12.84 8.11 -16.32
CA HIS D 218 -11.81 8.99 -15.77
C HIS D 218 -12.41 9.57 -14.50
N LEU D 219 -11.86 9.22 -13.36
CA LEU D 219 -12.37 9.70 -12.07
C LEU D 219 -11.34 10.49 -11.26
N ILE D 220 -11.82 11.52 -10.58
CA ILE D 220 -10.99 12.34 -9.70
C ILE D 220 -11.63 12.08 -8.35
N ARG D 221 -10.86 11.60 -7.40
CA ARG D 221 -11.39 11.26 -6.08
C ARG D 221 -11.14 12.27 -4.98
N SER D 222 -10.00 12.93 -4.99
CA SER D 222 -9.69 13.91 -3.96
C SER D 222 -8.64 14.88 -4.47
N TRP D 223 -8.48 16.00 -3.77
CA TRP D 223 -7.54 17.03 -4.19
C TRP D 223 -7.28 18.05 -3.08
N SER D 224 -6.02 18.24 -2.72
CA SER D 224 -5.64 19.23 -1.71
C SER D 224 -4.60 20.11 -2.38
N PHE D 225 -4.55 21.37 -1.97
CA PHE D 225 -3.64 22.32 -2.62
C PHE D 225 -3.27 23.45 -1.67
N THR D 226 -2.01 23.89 -1.75
CA THR D 226 -1.50 25.01 -0.96
C THR D 226 -0.43 25.73 -1.77
N SER D 227 -0.56 27.04 -1.89
CA SER D 227 0.40 27.86 -2.61
C SER D 227 0.74 29.03 -1.70
N THR D 228 1.98 29.48 -1.75
CA THR D 228 2.43 30.59 -0.91
C THR D 228 3.29 31.53 -1.72
N LEU D 229 2.88 32.80 -1.78
CA LEU D 229 3.60 33.83 -2.51
C LEU D 229 4.18 34.82 -1.51
N ILE D 230 5.46 35.10 -1.64
CA ILE D 230 6.14 36.03 -0.76
C ILE D 230 5.77 37.43 -1.21
N THR D 231 5.04 38.11 -0.34
CA THR D 231 4.61 39.48 -0.61
C THR D 231 5.51 40.45 0.14
N THR D 232 6.76 40.57 -0.34
CA THR D 232 7.76 41.46 0.27
C THR D 232 9.09 41.39 -0.52
C1 GLC E . 28.73 28.90 26.57
C2 GLC E . 27.35 28.05 26.64
C3 GLC E . 27.09 27.00 25.50
C4 GLC E . 27.55 27.53 24.21
C5 GLC E . 29.06 27.80 24.29
C6 GLC E . 29.50 28.63 23.05
O1 GLC E . 29.42 27.88 27.15
O2 GLC E . 27.09 27.23 27.81
O3 GLC E . 25.70 26.67 25.34
O4 GLC E . 27.34 26.47 23.14
O5 GLC E . 29.50 28.68 25.34
O6 GLC E . 28.83 29.88 23.06
C1 GAL E . 26.47 26.98 22.02
C2 GAL E . 26.54 26.05 20.84
C3 GAL E . 25.54 26.41 19.78
C4 GAL E . 24.13 26.46 20.39
C5 GAL E . 24.18 27.51 21.54
C6 GAL E . 22.95 27.94 22.32
O2 GAL E . 27.83 26.18 20.32
O3 GAL E . 25.62 25.44 18.74
O4 GAL E . 23.77 25.18 20.82
O5 GAL E . 25.12 27.03 22.49
O6 GAL E . 23.31 29.06 23.12
C1 GLC F . 18.95 -43.85 -4.68
C2 GLC F . 19.22 -42.54 -5.52
C3 GLC F . 18.93 -41.28 -4.55
C4 GLC F . 18.04 -41.72 -3.43
C5 GLC F . 18.70 -42.69 -2.51
C6 GLC F . 17.69 -43.49 -1.69
O1 GLC F . 20.11 -44.46 -5.00
O2 GLC F . 20.49 -42.33 -6.23
O3 GLC F . 18.36 -40.21 -5.27
O4 GLC F . 17.62 -40.58 -2.58
O5 GLC F . 19.46 -43.62 -3.29
O6 GLC F . 16.82 -44.24 -2.55
C1 GAL F . 16.14 -40.38 -2.67
C2 GAL F . 15.81 -39.33 -1.68
C3 GAL F . 14.44 -38.84 -1.82
C4 GAL F . 14.23 -38.37 -3.28
C5 GAL F . 14.55 -39.55 -4.20
C6 GAL F . 14.40 -39.50 -5.69
O2 GAL F . 15.90 -39.95 -0.42
O3 GAL F . 14.37 -37.81 -0.88
O4 GAL F . 14.99 -37.26 -3.60
O5 GAL F . 15.86 -39.92 -3.96
O6 GAL F . 14.72 -40.80 -6.19
C2 BGC G . -32.72 8.13 14.93
C3 BGC G . -32.45 6.72 14.37
C4 BGC G . -31.83 5.91 15.51
C5 BGC G . -32.72 5.85 16.77
C6 BGC G . -32.05 5.15 17.99
C1 BGC G . -33.70 8.00 16.14
O1 BGC G . -33.96 9.31 16.61
O2 BGC G . -33.18 8.97 13.88
O3 BGC G . -31.63 6.86 13.24
O4 BGC G . -31.65 4.50 15.02
O5 BGC G . -33.06 7.20 17.17
O6 BGC G . -32.76 5.41 19.17
C1 GAL G . -30.21 4.09 15.12
C2 GAL G . -30.15 2.71 14.55
C3 GAL G . -28.72 2.33 14.44
C4 GAL G . -27.94 3.42 13.61
C5 GAL G . -28.06 4.76 14.28
C6 GAL G . -27.34 5.94 13.70
O2 GAL G . -30.83 1.75 15.35
O3 GAL G . -28.78 1.09 13.79
O4 GAL G . -28.41 3.54 12.30
O5 GAL G . -29.44 5.02 14.35
O6 GAL G . -27.63 7.06 14.51
C1 GLC H . -10.48 5.79 -35.46
C2 GLC H . -11.23 5.75 -34.10
C3 GLC H . -11.19 7.18 -33.45
C4 GLC H . -9.77 7.55 -33.64
C5 GLC H . -9.49 7.99 -35.04
C6 GLC H . -8.01 7.85 -35.51
O1 GLC H . -11.57 5.77 -36.23
O2 GLC H . -12.59 5.32 -33.86
O3 GLC H . -11.63 7.09 -32.09
O4 GLC H . -9.42 8.69 -32.79
O5 GLC H . -10.31 7.20 -35.89
O6 GLC H . -7.83 6.98 -36.63
C1 GAL H . -8.31 8.25 -31.91
C2 GAL H . -7.81 9.45 -31.21
C3 GAL H . -6.86 9.00 -30.13
C4 GAL H . -7.52 7.88 -29.27
C5 GAL H . -7.87 6.71 -30.19
C6 GAL H . -8.38 5.37 -29.73
O2 GAL H . -7.15 10.27 -32.18
O3 GAL H . -6.61 10.17 -29.42
O4 GAL H . -8.65 8.47 -28.72
O5 GAL H . -8.78 7.21 -31.10
O6 GAL H . -8.45 4.50 -30.87
CA CA I . 22.99 25.98 13.45
MN MN J . 22.28 25.78 9.34
CA CA K . 8.90 -36.08 0.79
MN MN L . 6.01 -34.64 2.95
CA CA M . -24.27 -2.22 14.54
MN MN N . -21.78 -5.60 15.09
CA CA O . -1.85 10.55 -26.19
MN MN P . 1.29 12.26 -24.16
#